data_8OTM
#
_entry.id   8OTM
#
_cell.length_a   90.588
_cell.length_b   92.784
_cell.length_c   90.751
_cell.angle_alpha   90
_cell.angle_beta   119.2
_cell.angle_gamma   90
#
_symmetry.space_group_name_H-M   'P 1 21 1'
#
loop_
_entity.id
_entity.type
_entity.pdbx_description
1 polymer 'Enoyl-[acyl-carrier-protein] reductase [NADH]'
2 non-polymer NICOTINAMIDE-ADENINE-DINUCLEOTIDE
3 non-polymer 2-oxidanylidene-~{N}-[[1-[(3-oxidanyl-4-phenoxy-phenyl)methyl]-1,2,3-triazol-4-yl]methyl]chromene-3-carboxamide
4 non-polymer 1,2-ETHANEDIOL
5 non-polymer 'SODIUM ION'
6 non-polymer 'ACETATE ION'
7 water water
#
_entity_poly.entity_id   1
_entity_poly.type   'polypeptide(L)'
_entity_poly.pdbx_seq_one_letter_code
;GSMTGLLDGKRILVSGIITDSSIAFHIARVAQEQGAQLVLTGFDRLRLIQRITDRLPAKAPLLELDVQNEEHLASLAGRV
TEAIGAGNKLDGVVHSIGFMPQTGMGINPFFDAPYADVSKGIHISAYSYASMAKALLPIMNPGGSIVGMDFDPSRAMPAY
NWMTVAKSALESVNRFVAREAGKYGVRSNLVAAGPIRTLAMSAIVGGALGEEAGAQIQLLEEGWDQRAPIGWNMKDATPV
AKTVCALLSDWLPATTGDIIYADGGAHTQLL
;
_entity_poly.pdbx_strand_id   A,B,C,D
#
# COMPACT_ATOMS: atom_id res chain seq x y z
N THR A 4 24.24 23.62 -16.93
CA THR A 4 25.09 22.46 -17.19
C THR A 4 25.03 21.40 -16.05
N GLY A 5 25.49 21.71 -14.82
CA GLY A 5 25.41 20.79 -13.71
C GLY A 5 24.00 20.74 -13.14
N LEU A 6 23.55 19.55 -12.73
CA LEU A 6 22.19 19.37 -12.18
C LEU A 6 21.99 20.15 -10.87
N LEU A 7 23.07 20.31 -10.09
CA LEU A 7 22.98 21.00 -8.80
C LEU A 7 23.85 22.26 -8.75
N ASP A 8 24.10 22.89 -9.92
CA ASP A 8 24.91 24.11 -9.96
C ASP A 8 24.41 25.19 -9.01
N GLY A 9 25.31 25.77 -8.23
CA GLY A 9 24.93 26.83 -7.30
C GLY A 9 24.29 26.36 -6.00
N LYS A 10 24.09 25.04 -5.83
CA LYS A 10 23.42 24.53 -4.64
C LYS A 10 24.39 24.19 -3.52
N ARG A 11 24.02 24.50 -2.29
CA ARG A 11 24.84 24.16 -1.12
C ARG A 11 24.12 23.01 -0.43
N ILE A 12 24.80 21.87 -0.31
CA ILE A 12 24.14 20.66 0.22
C ILE A 12 24.93 20.05 1.36
N LEU A 13 24.24 19.66 2.45
CA LEU A 13 24.89 18.99 3.57
C LEU A 13 24.73 17.49 3.36
N VAL A 14 25.82 16.73 3.44
CA VAL A 14 25.74 15.27 3.28
C VAL A 14 26.33 14.60 4.52
N SER A 15 25.48 13.83 5.22
CA SER A 15 25.89 13.08 6.39
C SER A 15 26.12 11.63 5.95
N GLY A 16 26.80 10.85 6.78
CA GLY A 16 26.84 9.41 6.56
C GLY A 16 28.01 8.80 5.82
N ILE A 17 29.05 9.59 5.52
CA ILE A 17 30.24 8.99 4.93
C ILE A 17 31.04 8.33 6.04
N ILE A 18 31.39 7.04 5.85
CA ILE A 18 32.30 6.35 6.76
C ILE A 18 33.44 5.72 5.94
N THR A 19 33.12 5.11 4.78
CA THR A 19 34.14 4.57 3.87
C THR A 19 33.84 5.08 2.42
N ASP A 20 34.75 4.79 1.44
CA ASP A 20 34.48 5.18 0.07
C ASP A 20 33.44 4.25 -0.61
N SER A 21 32.90 3.25 0.10
CA SER A 21 31.78 2.45 -0.41
C SER A 21 30.46 3.01 0.13
N SER A 22 30.47 3.91 1.15
CA SER A 22 29.21 4.46 1.71
C SER A 22 28.30 5.00 0.62
N ILE A 23 26.97 4.79 0.75
CA ILE A 23 26.05 5.43 -0.21
C ILE A 23 26.26 6.97 -0.20
N ALA A 24 26.53 7.53 0.99
CA ALA A 24 26.77 8.98 1.13
C ALA A 24 28.02 9.43 0.39
N PHE A 25 29.03 8.56 0.24
CA PHE A 25 30.23 8.94 -0.49
C PHE A 25 29.88 9.13 -1.95
N HIS A 26 29.11 8.18 -2.53
CA HIS A 26 28.70 8.27 -3.92
C HIS A 26 27.75 9.41 -4.16
N ILE A 27 26.84 9.68 -3.20
CA ILE A 27 25.94 10.84 -3.30
C ILE A 27 26.81 12.13 -3.36
N ALA A 28 27.79 12.24 -2.46
CA ALA A 28 28.66 13.43 -2.43
C ALA A 28 29.46 13.57 -3.73
N ARG A 29 30.02 12.46 -4.23
CA ARG A 29 30.81 12.47 -5.46
C ARG A 29 29.95 12.93 -6.64
N VAL A 30 28.76 12.31 -6.81
CA VAL A 30 27.87 12.70 -7.90
C VAL A 30 27.42 14.16 -7.73
N ALA A 31 27.08 14.57 -6.50
CA ALA A 31 26.64 15.95 -6.26
C ALA A 31 27.73 16.96 -6.65
N GLN A 32 29.00 16.69 -6.30
CA GLN A 32 30.11 17.55 -6.68
C GLN A 32 30.31 17.55 -8.21
N GLU A 33 30.22 16.38 -8.84
CA GLU A 33 30.33 16.31 -10.32
C GLU A 33 29.26 17.18 -11.01
N GLN A 34 28.10 17.33 -10.35
CA GLN A 34 26.98 18.12 -10.83
C GLN A 34 26.95 19.58 -10.34
N GLY A 35 28.07 20.05 -9.78
CA GLY A 35 28.25 21.44 -9.39
C GLY A 35 27.86 21.87 -7.99
N ALA A 36 27.45 20.94 -7.11
CA ALA A 36 27.07 21.33 -5.75
C ALA A 36 28.29 21.65 -4.88
N GLN A 37 28.10 22.56 -3.93
CA GLN A 37 29.11 22.90 -2.92
C GLN A 37 28.65 22.17 -1.66
N LEU A 38 29.48 21.27 -1.12
CA LEU A 38 29.04 20.47 0.00
C LEU A 38 29.61 20.86 1.33
N VAL A 39 28.87 20.48 2.38
CA VAL A 39 29.30 20.48 3.77
C VAL A 39 29.08 19.02 4.17
N LEU A 40 30.10 18.36 4.74
CA LEU A 40 29.95 16.94 5.09
C LEU A 40 29.88 16.81 6.61
N THR A 41 29.15 15.79 7.09
CA THR A 41 29.16 15.51 8.54
C THR A 41 29.60 14.07 8.75
N GLY A 42 30.36 13.85 9.82
CA GLY A 42 30.84 12.51 10.13
C GLY A 42 30.69 12.17 11.60
N PHE A 43 30.65 10.87 11.89
CA PHE A 43 30.47 10.40 13.24
C PHE A 43 31.65 9.56 13.70
N ASP A 44 32.16 9.92 14.89
CA ASP A 44 33.13 9.21 15.70
C ASP A 44 34.56 9.19 15.11
N ARG A 45 34.78 8.45 14.03
CA ARG A 45 36.12 8.27 13.48
C ARG A 45 36.45 9.39 12.48
N LEU A 46 36.58 10.64 12.96
CA LEU A 46 36.77 11.78 12.07
C LEU A 46 38.07 11.77 11.28
N ARG A 47 39.17 11.26 11.86
CA ARG A 47 40.43 11.21 11.13
C ARG A 47 40.31 10.25 9.95
N LEU A 48 39.67 9.09 10.18
CA LEU A 48 39.46 8.13 9.12
C LEU A 48 38.53 8.70 8.07
N ILE A 49 37.47 9.42 8.51
CA ILE A 49 36.51 9.97 7.55
C ILE A 49 37.16 11.01 6.68
N GLN A 50 38.02 11.89 7.25
CA GLN A 50 38.70 12.93 6.48
C GLN A 50 39.62 12.29 5.42
N ARG A 51 40.24 11.15 5.74
CA ARG A 51 41.09 10.44 4.78
C ARG A 51 40.23 9.98 3.57
N ILE A 52 38.98 9.59 3.82
CA ILE A 52 38.05 9.18 2.76
C ILE A 52 37.53 10.38 1.98
N THR A 53 37.12 11.45 2.69
CA THR A 53 36.56 12.61 1.98
C THR A 53 37.62 13.32 1.13
N ASP A 54 38.92 13.12 1.43
CA ASP A 54 40.01 13.66 0.59
C ASP A 54 39.97 13.00 -0.82
N ARG A 55 39.32 11.84 -0.97
CA ARG A 55 39.21 11.17 -2.26
C ARG A 55 38.08 11.74 -3.12
N LEU A 56 37.24 12.65 -2.57
CA LEU A 56 36.15 13.22 -3.36
C LEU A 56 36.74 14.19 -4.41
N PRO A 57 35.97 14.46 -5.48
CA PRO A 57 36.46 15.36 -6.55
C PRO A 57 36.89 16.75 -6.06
N ALA A 58 36.19 17.29 -5.05
CA ALA A 58 36.47 18.64 -4.54
C ALA A 58 36.52 18.68 -3.01
N LYS A 59 37.24 19.67 -2.47
CA LYS A 59 37.34 19.87 -1.03
C LYS A 59 35.97 20.27 -0.46
N ALA A 60 35.71 19.82 0.77
CA ALA A 60 34.48 20.13 1.45
C ALA A 60 34.77 20.07 2.93
N PRO A 61 34.27 21.04 3.71
CA PRO A 61 34.50 21.01 5.17
C PRO A 61 33.79 19.81 5.80
N LEU A 62 34.39 19.22 6.82
CA LEU A 62 33.84 18.09 7.53
C LEU A 62 33.52 18.51 8.96
N LEU A 63 32.27 18.34 9.36
CA LEU A 63 31.84 18.69 10.71
C LEU A 63 31.47 17.43 11.47
N GLU A 64 31.74 17.43 12.78
CA GLU A 64 31.39 16.29 13.60
C GLU A 64 29.90 16.31 13.95
N LEU A 65 29.23 15.17 13.82
CA LEU A 65 27.83 15.07 14.21
C LEU A 65 27.51 13.64 14.64
N ASP A 66 27.30 13.44 15.94
CA ASP A 66 26.76 12.19 16.50
C ASP A 66 25.28 12.57 16.71
N VAL A 67 24.36 11.92 16.00
CA VAL A 67 22.95 12.32 16.13
C VAL A 67 22.34 12.01 17.49
N GLN A 68 23.00 11.20 18.33
CA GLN A 68 22.53 10.98 19.70
C GLN A 68 23.02 12.09 20.65
N ASN A 69 23.89 12.99 20.16
CA ASN A 69 24.49 14.00 20.99
C ASN A 69 23.71 15.31 20.85
N GLU A 70 22.96 15.65 21.91
CA GLU A 70 22.15 16.89 21.91
C GLU A 70 22.96 18.15 21.68
N GLU A 71 24.19 18.19 22.20
CA GLU A 71 25.06 19.35 22.02
C GLU A 71 25.48 19.50 20.57
N HIS A 72 25.79 18.37 19.89
CA HIS A 72 26.18 18.44 18.47
C HIS A 72 25.00 18.96 17.65
N LEU A 73 23.78 18.51 17.96
CA LEU A 73 22.61 18.96 17.22
C LEU A 73 22.31 20.44 17.48
N ALA A 74 22.44 20.87 18.73
CA ALA A 74 22.15 22.27 19.09
C ALA A 74 23.15 23.22 18.41
N SER A 75 24.39 22.76 18.14
CA SER A 75 25.40 23.63 17.53
C SER A 75 25.49 23.50 16.01
N LEU A 76 24.83 22.47 15.43
CA LEU A 76 25.00 22.15 14.04
C LEU A 76 24.74 23.30 13.09
N ALA A 77 23.59 23.97 13.21
CA ALA A 77 23.25 25.04 12.28
C ALA A 77 24.32 26.18 12.30
N GLY A 78 24.79 26.53 13.48
CA GLY A 78 25.83 27.54 13.63
C GLY A 78 27.14 27.11 12.97
N ARG A 79 27.52 25.84 13.15
CA ARG A 79 28.75 25.33 12.54
C ARG A 79 28.64 25.26 11.00
N VAL A 80 27.45 24.89 10.48
CA VAL A 80 27.23 24.88 9.05
C VAL A 80 27.29 26.31 8.50
N THR A 81 26.67 27.27 9.21
CA THR A 81 26.69 28.67 8.77
C THR A 81 28.12 29.21 8.72
N GLU A 82 28.96 28.82 9.69
CA GLU A 82 30.37 29.22 9.68
C GLU A 82 31.07 28.62 8.45
N ALA A 83 30.74 27.37 8.09
CA ALA A 83 31.36 26.71 6.94
C ALA A 83 30.93 27.29 5.59
N ILE A 84 29.64 27.66 5.43
CA ILE A 84 29.16 28.19 4.15
C ILE A 84 29.16 29.73 4.07
N GLY A 85 29.39 30.40 5.18
CA GLY A 85 29.39 31.87 5.23
C GLY A 85 28.06 32.43 5.68
N ALA A 86 28.08 33.35 6.65
CA ALA A 86 26.88 34.03 7.14
C ALA A 86 26.09 34.66 5.98
N GLY A 87 24.78 34.54 6.00
CA GLY A 87 23.95 35.06 4.93
C GLY A 87 23.57 33.99 3.92
N ASN A 88 24.38 32.95 3.80
CA ASN A 88 24.09 31.85 2.90
C ASN A 88 23.29 30.77 3.64
N LYS A 89 22.50 30.00 2.91
CA LYS A 89 21.68 28.93 3.45
C LYS A 89 21.90 27.66 2.63
N LEU A 90 21.46 26.53 3.16
CA LEU A 90 21.54 25.27 2.47
C LEU A 90 20.36 25.13 1.54
N ASP A 91 20.58 24.44 0.43
CA ASP A 91 19.54 24.04 -0.49
C ASP A 91 19.13 22.59 -0.32
N GLY A 92 20.02 21.77 0.25
CA GLY A 92 19.72 20.36 0.40
C GLY A 92 20.38 19.77 1.63
N VAL A 93 19.78 18.70 2.16
CA VAL A 93 20.30 17.97 3.31
C VAL A 93 20.13 16.50 3.00
N VAL A 94 21.18 15.68 3.17
CA VAL A 94 21.08 14.24 2.95
C VAL A 94 21.37 13.53 4.27
N HIS A 95 20.38 12.77 4.74
CA HIS A 95 20.50 11.91 5.94
C HIS A 95 20.82 10.52 5.38
N SER A 96 22.05 10.04 5.58
CA SER A 96 22.40 8.70 5.09
C SER A 96 23.04 7.97 6.30
N ILE A 97 22.23 7.86 7.34
CA ILE A 97 22.65 7.37 8.65
C ILE A 97 21.79 6.23 9.13
N GLY A 98 22.44 5.23 9.72
CA GLY A 98 21.70 4.11 10.29
C GLY A 98 22.55 3.33 11.25
N PHE A 99 21.88 2.64 12.18
CA PHE A 99 22.58 1.77 13.09
C PHE A 99 21.58 0.87 13.76
N MET A 100 21.96 -0.37 14.01
CA MET A 100 21.20 -1.28 14.84
C MET A 100 22.20 -2.21 15.50
N PRO A 101 22.11 -2.40 16.84
CA PRO A 101 23.04 -3.36 17.50
C PRO A 101 22.85 -4.76 16.91
N GLN A 102 23.87 -5.61 17.00
CA GLN A 102 23.85 -6.96 16.45
C GLN A 102 22.65 -7.77 16.94
N THR A 103 22.25 -7.61 18.23
CA THR A 103 21.10 -8.37 18.75
C THR A 103 19.84 -8.13 17.94
N GLY A 104 19.74 -6.98 17.24
CA GLY A 104 18.55 -6.70 16.45
C GLY A 104 18.60 -7.16 15.00
N MET A 105 19.64 -7.93 14.62
N MET A 105 19.65 -7.89 14.58
CA MET A 105 19.86 -8.31 13.23
CA MET A 105 19.76 -8.31 13.18
C MET A 105 20.23 -9.80 13.02
C MET A 105 20.31 -9.74 12.98
N GLY A 106 20.22 -10.21 11.75
CA GLY A 106 20.75 -11.48 11.30
C GLY A 106 20.07 -12.70 11.87
N ILE A 107 20.87 -13.68 12.30
CA ILE A 107 20.25 -14.90 12.86
C ILE A 107 20.02 -14.80 14.38
N ASN A 108 20.30 -13.63 15.00
CA ASN A 108 20.04 -13.44 16.43
C ASN A 108 18.52 -13.41 16.60
N PRO A 109 17.96 -14.20 17.54
CA PRO A 109 16.49 -14.29 17.63
C PRO A 109 15.80 -12.96 17.77
N PHE A 110 14.78 -12.74 16.96
CA PHE A 110 14.02 -11.47 16.98
C PHE A 110 13.56 -11.09 18.41
N PHE A 111 13.08 -12.09 19.18
CA PHE A 111 12.61 -11.81 20.55
C PHE A 111 13.68 -11.55 21.59
N ASP A 112 14.94 -11.80 21.24
CA ASP A 112 16.02 -11.64 22.20
C ASP A 112 16.71 -10.28 22.14
N ALA A 113 16.28 -9.37 21.24
CA ALA A 113 16.87 -8.03 21.20
C ALA A 113 16.27 -7.22 22.34
N PRO A 114 17.11 -6.78 23.31
CA PRO A 114 16.57 -5.97 24.42
C PRO A 114 16.12 -4.61 23.93
N TYR A 115 15.15 -4.00 24.63
CA TYR A 115 14.66 -2.69 24.21
C TYR A 115 15.74 -1.62 24.18
N ALA A 116 16.72 -1.65 25.11
CA ALA A 116 17.79 -0.63 25.06
C ALA A 116 18.52 -0.66 23.70
N ASP A 117 18.70 -1.87 23.14
CA ASP A 117 19.34 -2.02 21.82
C ASP A 117 18.45 -1.52 20.69
N VAL A 118 17.19 -1.95 20.68
CA VAL A 118 16.24 -1.49 19.65
C VAL A 118 16.07 0.03 19.70
N SER A 119 15.96 0.57 20.91
CA SER A 119 15.80 2.01 21.10
C SER A 119 16.99 2.78 20.53
N LYS A 120 18.23 2.28 20.74
CA LYS A 120 19.40 2.96 20.19
C LYS A 120 19.32 2.95 18.65
N GLY A 121 18.93 1.81 18.06
CA GLY A 121 18.78 1.74 16.61
C GLY A 121 17.70 2.65 16.06
N ILE A 122 16.55 2.75 16.75
CA ILE A 122 15.47 3.64 16.28
C ILE A 122 15.86 5.11 16.47
N HIS A 123 16.64 5.42 17.53
CA HIS A 123 17.11 6.79 17.76
C HIS A 123 17.98 7.24 16.58
N ILE A 124 19.00 6.42 16.25
CA ILE A 124 19.90 6.79 15.17
C ILE A 124 19.29 6.70 13.78
N SER A 125 18.48 5.67 13.53
CA SER A 125 17.98 5.40 12.19
C SER A 125 16.68 6.11 11.82
N ALA A 126 15.86 6.50 12.82
CA ALA A 126 14.56 7.08 12.49
C ALA A 126 14.37 8.45 13.17
N TYR A 127 14.46 8.54 14.52
CA TYR A 127 14.24 9.82 15.19
C TYR A 127 15.20 10.90 14.69
N SER A 128 16.46 10.52 14.39
CA SER A 128 17.46 11.51 13.95
C SER A 128 17.12 12.17 12.63
N TYR A 129 16.20 11.58 11.83
CA TYR A 129 15.76 12.27 10.61
C TYR A 129 14.97 13.54 11.03
N ALA A 130 14.14 13.42 12.07
CA ALA A 130 13.43 14.60 12.61
C ALA A 130 14.42 15.54 13.28
N SER A 131 15.40 15.01 14.07
CA SER A 131 16.42 15.87 14.74
C SER A 131 17.21 16.71 13.75
N MET A 132 17.65 16.10 12.64
N MET A 132 17.64 16.09 12.64
CA MET A 132 18.44 16.85 11.65
CA MET A 132 18.44 16.76 11.61
C MET A 132 17.58 17.88 10.95
C MET A 132 17.60 17.84 10.94
N ALA A 133 16.33 17.53 10.58
CA ALA A 133 15.43 18.52 9.96
C ALA A 133 15.17 19.70 10.92
N LYS A 134 14.98 19.42 12.21
CA LYS A 134 14.74 20.47 13.21
C LYS A 134 15.94 21.44 13.26
N ALA A 135 17.15 20.88 13.24
CA ALA A 135 18.36 21.70 13.34
C ALA A 135 18.60 22.51 12.04
N LEU A 136 18.30 21.91 10.88
CA LEU A 136 18.71 22.51 9.62
C LEU A 136 17.62 23.27 8.86
N LEU A 137 16.31 22.96 9.06
CA LEU A 137 15.25 23.76 8.39
C LEU A 137 15.42 25.28 8.55
N PRO A 138 15.77 25.81 9.76
CA PRO A 138 15.95 27.27 9.90
C PRO A 138 17.04 27.88 9.01
N ILE A 139 17.95 27.06 8.48
CA ILE A 139 18.98 27.56 7.57
C ILE A 139 18.83 26.97 6.16
N MET A 140 17.58 26.63 5.74
CA MET A 140 17.37 26.12 4.39
C MET A 140 16.56 27.10 3.57
N ASN A 141 16.91 27.18 2.29
CA ASN A 141 16.21 28.07 1.35
C ASN A 141 14.89 27.44 0.90
N PRO A 142 13.91 28.26 0.50
CA PRO A 142 12.70 27.71 -0.12
C PRO A 142 13.08 27.00 -1.42
N GLY A 143 12.34 25.96 -1.76
CA GLY A 143 12.68 25.12 -2.91
C GLY A 143 13.65 24.00 -2.54
N GLY A 144 14.12 24.01 -1.29
CA GLY A 144 15.08 23.08 -0.72
C GLY A 144 14.58 21.66 -0.61
N SER A 145 15.49 20.75 -0.26
N SER A 145 15.47 20.73 -0.31
CA SER A 145 15.16 19.34 -0.27
CA SER A 145 15.11 19.31 -0.23
C SER A 145 15.93 18.56 0.80
C SER A 145 15.91 18.49 0.76
N ILE A 146 15.20 17.76 1.61
CA ILE A 146 15.83 16.89 2.60
C ILE A 146 15.58 15.48 2.09
N VAL A 147 16.62 14.66 2.04
CA VAL A 147 16.47 13.28 1.55
C VAL A 147 17.07 12.33 2.58
N GLY A 148 16.34 11.26 2.90
CA GLY A 148 16.80 10.19 3.79
C GLY A 148 16.88 8.87 3.06
N MET A 149 17.67 7.90 3.57
CA MET A 149 17.78 6.60 2.91
C MET A 149 16.94 5.53 3.61
N ASP A 150 16.20 4.76 2.83
CA ASP A 150 15.26 3.75 3.30
C ASP A 150 15.59 2.40 2.68
N PHE A 151 15.11 1.33 3.30
CA PHE A 151 15.20 -0.03 2.74
C PHE A 151 13.77 -0.53 2.93
N ASP A 152 13.05 -0.75 1.82
CA ASP A 152 11.61 -1.06 1.86
C ASP A 152 11.21 -2.03 2.98
N PRO A 153 10.49 -1.54 4.00
CA PRO A 153 10.13 -2.40 5.15
C PRO A 153 8.65 -2.82 5.15
N SER A 154 7.96 -2.69 4.01
CA SER A 154 6.53 -3.00 3.91
CA SER A 154 6.53 -2.99 3.97
C SER A 154 6.17 -4.45 4.24
N ARG A 155 7.13 -5.34 4.05
N ARG A 155 7.14 -5.35 4.06
CA ARG A 155 6.96 -6.76 4.36
CA ARG A 155 6.95 -6.79 4.31
C ARG A 155 8.11 -7.21 5.27
C ARG A 155 8.12 -7.31 5.14
N ALA A 156 7.85 -8.24 6.10
CA ALA A 156 8.94 -8.77 6.92
C ALA A 156 9.84 -9.63 6.01
N MET A 157 11.10 -9.81 6.42
CA MET A 157 12.03 -10.54 5.57
C MET A 157 13.13 -11.10 6.45
N PRO A 158 13.93 -12.03 5.94
CA PRO A 158 15.05 -12.55 6.75
C PRO A 158 16.05 -11.45 7.09
N ALA A 159 16.70 -11.63 8.25
CA ALA A 159 17.89 -10.89 8.74
C ALA A 159 17.73 -9.42 9.06
N TYR A 160 16.92 -8.67 8.30
CA TYR A 160 16.81 -7.24 8.52
C TYR A 160 16.16 -6.94 9.87
N ASN A 161 15.27 -7.84 10.34
CA ASN A 161 14.75 -7.89 11.70
C ASN A 161 14.35 -6.52 12.26
N TRP A 162 15.01 -6.05 13.36
CA TRP A 162 14.60 -4.79 13.99
C TRP A 162 14.95 -3.56 13.17
N MET A 163 15.93 -3.67 12.24
CA MET A 163 16.20 -2.53 11.35
C MET A 163 14.94 -2.28 10.46
N THR A 164 14.19 -3.34 10.14
CA THR A 164 12.94 -3.19 9.37
C THR A 164 11.96 -2.32 10.16
N VAL A 165 11.88 -2.55 11.50
CA VAL A 165 10.99 -1.76 12.35
C VAL A 165 11.45 -0.30 12.37
N ALA A 166 12.76 -0.07 12.45
CA ALA A 166 13.31 1.29 12.44
C ALA A 166 12.98 1.99 11.11
N LYS A 167 13.10 1.27 9.96
CA LYS A 167 12.77 1.90 8.65
C LYS A 167 11.26 2.17 8.53
N SER A 168 10.40 1.27 9.09
CA SER A 168 8.95 1.57 9.12
C SER A 168 8.68 2.86 9.92
N ALA A 169 9.39 3.01 11.07
CA ALA A 169 9.27 4.23 11.86
C ALA A 169 9.78 5.45 11.05
N LEU A 170 10.92 5.31 10.36
CA LEU A 170 11.51 6.38 9.54
C LEU A 170 10.54 6.84 8.43
N GLU A 171 9.85 5.89 7.76
CA GLU A 171 8.87 6.30 6.73
C GLU A 171 7.76 7.18 7.35
N SER A 172 7.31 6.83 8.56
CA SER A 172 6.30 7.60 9.25
C SER A 172 6.84 8.98 9.66
N VAL A 173 8.07 9.01 10.22
CA VAL A 173 8.71 10.29 10.59
C VAL A 173 8.85 11.20 9.35
N ASN A 174 9.22 10.63 8.19
CA ASN A 174 9.38 11.43 6.95
C ASN A 174 8.06 12.15 6.58
N ARG A 175 6.90 11.46 6.79
CA ARG A 175 5.62 12.11 6.48
C ARG A 175 5.34 13.30 7.40
N PHE A 176 5.75 13.23 8.67
CA PHE A 176 5.57 14.37 9.59
C PHE A 176 6.61 15.46 9.36
N VAL A 177 7.83 15.05 9.01
CA VAL A 177 8.89 16.04 8.68
C VAL A 177 8.45 16.84 7.43
N ALA A 178 7.75 16.19 6.48
CA ALA A 178 7.25 16.92 5.30
C ALA A 178 6.26 18.01 5.71
N ARG A 179 5.44 17.76 6.73
CA ARG A 179 4.50 18.75 7.23
C ARG A 179 5.25 19.96 7.79
N GLU A 180 6.32 19.71 8.55
CA GLU A 180 7.11 20.81 9.12
C GLU A 180 7.88 21.54 8.01
N ALA A 181 8.55 20.78 7.13
CA ALA A 181 9.38 21.33 6.07
C ALA A 181 8.58 22.16 5.07
N GLY A 182 7.31 21.80 4.86
CA GLY A 182 6.42 22.55 3.97
C GLY A 182 6.24 23.99 4.40
N LYS A 183 6.32 24.27 5.70
CA LYS A 183 6.22 25.65 6.21
C LYS A 183 7.38 26.52 5.67
N TYR A 184 8.53 25.90 5.37
CA TYR A 184 9.73 26.54 4.84
C TYR A 184 9.85 26.46 3.31
N GLY A 185 8.86 25.86 2.63
CA GLY A 185 8.93 25.62 1.19
C GLY A 185 9.93 24.50 0.86
N VAL A 186 10.18 23.61 1.83
CA VAL A 186 11.18 22.56 1.67
C VAL A 186 10.50 21.20 1.54
N ARG A 187 11.02 20.35 0.66
CA ARG A 187 10.52 19.00 0.46
C ARG A 187 11.27 18.01 1.37
N SER A 188 10.62 16.90 1.74
CA SER A 188 11.29 15.85 2.54
C SER A 188 10.90 14.54 1.92
N ASN A 189 11.87 13.72 1.50
CA ASN A 189 11.53 12.44 0.88
C ASN A 189 12.57 11.39 1.25
N LEU A 190 12.20 10.13 1.05
CA LEU A 190 13.17 9.06 1.26
C LEU A 190 13.45 8.40 -0.07
N VAL A 191 14.66 7.86 -0.21
CA VAL A 191 15.03 7.03 -1.34
C VAL A 191 15.16 5.61 -0.79
N ALA A 192 14.31 4.70 -1.28
CA ALA A 192 14.37 3.29 -0.86
C ALA A 192 15.27 2.57 -1.87
N ALA A 193 16.47 2.29 -1.45
CA ALA A 193 17.48 1.67 -2.32
C ALA A 193 17.44 0.18 -2.26
N GLY A 194 17.87 -0.47 -3.35
CA GLY A 194 18.17 -1.89 -3.30
C GLY A 194 19.46 -2.09 -2.49
N PRO A 195 19.86 -3.35 -2.33
CA PRO A 195 21.05 -3.65 -1.52
C PRO A 195 22.37 -3.25 -2.20
N ILE A 196 23.26 -2.61 -1.45
CA ILE A 196 24.54 -2.13 -1.93
C ILE A 196 25.61 -2.55 -0.94
N ARG A 197 26.75 -3.04 -1.43
CA ARG A 197 27.84 -3.49 -0.56
C ARG A 197 28.53 -2.30 0.14
N THR A 198 28.18 -2.06 1.39
CA THR A 198 28.74 -0.96 2.19
C THR A 198 29.30 -1.54 3.49
N LEU A 199 29.98 -0.72 4.30
CA LEU A 199 30.48 -1.15 5.58
C LEU A 199 29.35 -1.64 6.48
N ALA A 200 28.18 -0.97 6.46
CA ALA A 200 27.06 -1.44 7.27
C ALA A 200 26.59 -2.84 6.83
N MET A 201 26.54 -3.06 5.50
CA MET A 201 26.13 -4.38 5.01
C MET A 201 27.10 -5.48 5.46
N SER A 202 28.41 -5.21 5.39
N SER A 202 28.40 -5.22 5.41
CA SER A 202 29.38 -6.22 5.79
CA SER A 202 29.38 -6.24 5.78
C SER A 202 29.47 -6.36 7.31
C SER A 202 29.60 -6.39 7.29
N ALA A 203 29.77 -5.26 8.00
CA ALA A 203 30.03 -5.29 9.43
C ALA A 203 28.82 -5.46 10.33
N ILE A 204 27.69 -4.85 10.00
CA ILE A 204 26.49 -4.99 10.82
C ILE A 204 25.68 -6.20 10.36
N VAL A 205 25.20 -6.18 9.12
CA VAL A 205 24.39 -7.28 8.61
C VAL A 205 25.16 -8.59 8.50
N GLY A 206 26.29 -8.57 7.78
CA GLY A 206 27.09 -9.77 7.54
C GLY A 206 27.57 -10.42 8.82
N GLY A 207 28.10 -9.61 9.73
CA GLY A 207 28.55 -10.11 11.02
C GLY A 207 27.45 -10.77 11.83
N ALA A 208 26.20 -10.30 11.68
CA ALA A 208 25.07 -10.87 12.44
C ALA A 208 24.49 -12.13 11.82
N LEU A 209 24.74 -12.33 10.53
CA LEU A 209 24.25 -13.52 9.83
C LEU A 209 25.11 -14.76 10.14
N GLY A 210 26.38 -14.55 10.52
CA GLY A 210 27.32 -15.61 10.88
C GLY A 210 27.45 -16.67 9.80
N GLU A 211 27.29 -17.94 10.16
CA GLU A 211 27.44 -19.03 9.19
C GLU A 211 26.40 -18.99 8.05
N GLU A 212 25.34 -18.18 8.22
CA GLU A 212 24.32 -18.03 7.19
C GLU A 212 24.54 -16.84 6.26
N ALA A 213 25.60 -16.04 6.47
CA ALA A 213 25.83 -14.88 5.64
C ALA A 213 26.01 -15.24 4.16
N GLY A 214 26.87 -16.21 3.83
CA GLY A 214 27.13 -16.55 2.43
C GLY A 214 25.87 -16.87 1.63
N ALA A 215 25.12 -17.85 2.09
CA ALA A 215 23.90 -18.28 1.39
C ALA A 215 22.83 -17.22 1.40
N GLN A 216 22.62 -16.56 2.55
N GLN A 216 22.60 -16.56 2.55
CA GLN A 216 21.57 -15.56 2.66
CA GLN A 216 21.56 -15.55 2.64
C GLN A 216 21.81 -14.36 1.75
C GLN A 216 21.80 -14.33 1.76
N ILE A 217 23.06 -13.84 1.72
CA ILE A 217 23.37 -12.67 0.91
C ILE A 217 23.37 -13.04 -0.58
N GLN A 218 23.80 -14.28 -0.96
CA GLN A 218 23.72 -14.69 -2.36
C GLN A 218 22.25 -14.74 -2.81
N LEU A 219 21.38 -15.30 -1.95
CA LEU A 219 19.95 -15.39 -2.32
C LEU A 219 19.31 -14.01 -2.39
N LEU A 220 19.72 -13.10 -1.50
CA LEU A 220 19.26 -11.71 -1.53
C LEU A 220 19.66 -11.08 -2.89
N GLU A 221 20.95 -11.18 -3.22
CA GLU A 221 21.50 -10.57 -4.44
C GLU A 221 20.83 -11.14 -5.71
N GLU A 222 20.74 -12.47 -5.79
CA GLU A 222 20.16 -13.14 -6.95
C GLU A 222 18.69 -12.81 -7.08
N GLY A 223 17.95 -12.86 -5.97
CA GLY A 223 16.52 -12.57 -6.02
C GLY A 223 16.26 -11.13 -6.43
N TRP A 224 17.10 -10.19 -5.94
CA TRP A 224 16.87 -8.78 -6.25
C TRP A 224 17.06 -8.53 -7.76
N ASP A 225 18.17 -9.06 -8.29
CA ASP A 225 18.48 -8.90 -9.71
C ASP A 225 17.41 -9.58 -10.58
N GLN A 226 16.91 -10.74 -10.14
CA GLN A 226 15.85 -11.43 -10.87
C GLN A 226 14.53 -10.61 -10.85
N ARG A 227 14.09 -10.16 -9.66
CA ARG A 227 12.81 -9.41 -9.56
C ARG A 227 12.88 -8.06 -10.29
N ALA A 228 14.03 -7.43 -10.26
CA ALA A 228 14.20 -6.10 -10.86
C ALA A 228 14.08 -6.21 -12.38
N PRO A 229 13.07 -5.60 -13.04
CA PRO A 229 12.99 -5.74 -14.52
C PRO A 229 14.22 -5.20 -15.26
N ILE A 230 14.92 -4.23 -14.69
CA ILE A 230 16.16 -3.71 -15.32
C ILE A 230 17.45 -4.23 -14.65
N GLY A 231 17.31 -5.21 -13.79
CA GLY A 231 18.47 -5.79 -13.09
C GLY A 231 18.89 -4.98 -11.89
N TRP A 232 19.86 -5.51 -11.16
CA TRP A 232 20.37 -4.84 -9.98
C TRP A 232 21.80 -5.26 -9.73
N ASN A 233 22.70 -4.27 -9.59
CA ASN A 233 24.11 -4.59 -9.31
C ASN A 233 24.46 -4.10 -7.90
N MET A 234 24.61 -5.03 -6.93
CA MET A 234 24.89 -4.65 -5.52
C MET A 234 26.24 -3.95 -5.35
N LYS A 235 27.14 -4.06 -6.33
CA LYS A 235 28.45 -3.40 -6.23
C LYS A 235 28.43 -1.96 -6.77
N ASP A 236 27.29 -1.49 -7.28
CA ASP A 236 27.21 -0.18 -7.91
C ASP A 236 26.24 0.77 -7.19
N ALA A 237 26.78 1.72 -6.39
CA ALA A 237 25.91 2.69 -5.71
C ALA A 237 25.50 3.86 -6.60
N THR A 238 26.10 4.01 -7.80
CA THR A 238 25.84 5.19 -8.63
C THR A 238 24.36 5.41 -8.97
N PRO A 239 23.56 4.39 -9.35
CA PRO A 239 22.14 4.66 -9.66
C PRO A 239 21.39 5.23 -8.45
N VAL A 240 21.76 4.79 -7.23
CA VAL A 240 21.14 5.30 -5.99
C VAL A 240 21.58 6.76 -5.79
N ALA A 241 22.87 7.04 -5.92
CA ALA A 241 23.39 8.41 -5.80
C ALA A 241 22.71 9.37 -6.81
N LYS A 242 22.50 8.91 -8.06
CA LYS A 242 21.85 9.75 -9.07
CA LYS A 242 21.86 9.75 -9.06
C LYS A 242 20.43 10.06 -8.65
N THR A 243 19.72 9.08 -8.07
CA THR A 243 18.33 9.28 -7.65
C THR A 243 18.26 10.32 -6.53
N VAL A 244 19.18 10.26 -5.57
CA VAL A 244 19.20 11.25 -4.47
C VAL A 244 19.46 12.64 -5.08
N CYS A 245 20.41 12.73 -6.03
CA CYS A 245 20.66 13.99 -6.71
C CYS A 245 19.44 14.50 -7.48
N ALA A 246 18.61 13.61 -8.08
CA ALA A 246 17.37 14.04 -8.73
C ALA A 246 16.44 14.70 -7.71
N LEU A 247 16.34 14.11 -6.50
CA LEU A 247 15.48 14.72 -5.46
C LEU A 247 16.05 16.00 -4.90
N LEU A 248 17.39 16.13 -4.88
CA LEU A 248 18.02 17.39 -4.43
C LEU A 248 17.89 18.52 -5.47
N SER A 249 17.64 18.15 -6.73
CA SER A 249 17.52 19.10 -7.84
C SER A 249 16.16 19.82 -7.84
N ASP A 250 15.93 20.66 -8.85
CA ASP A 250 14.65 21.32 -9.01
C ASP A 250 13.68 20.50 -9.87
N TRP A 251 14.02 19.24 -10.24
CA TRP A 251 13.25 18.45 -11.21
C TRP A 251 12.18 17.54 -10.61
N LEU A 252 12.05 17.51 -9.28
CA LEU A 252 10.94 16.76 -8.63
C LEU A 252 10.30 17.76 -7.62
N PRO A 253 9.78 18.90 -8.12
CA PRO A 253 9.38 19.98 -7.21
C PRO A 253 8.05 19.80 -6.50
N ALA A 254 7.29 18.80 -6.93
CA ALA A 254 5.94 18.56 -6.41
C ALA A 254 5.86 17.27 -5.58
N THR A 255 7.00 16.69 -5.19
CA THR A 255 7.02 15.45 -4.44
C THR A 255 7.52 15.71 -3.05
N THR A 256 6.71 15.36 -2.05
CA THR A 256 7.14 15.51 -0.64
C THR A 256 6.39 14.51 0.24
N GLY A 257 7.01 14.17 1.36
CA GLY A 257 6.53 13.19 2.33
C GLY A 257 6.46 11.81 1.70
N ASP A 258 7.29 11.58 0.66
CA ASP A 258 7.19 10.41 -0.19
C ASP A 258 8.42 9.54 -0.23
N ILE A 259 8.30 8.42 -0.93
CA ILE A 259 9.36 7.46 -1.08
C ILE A 259 9.58 7.19 -2.55
N ILE A 260 10.82 7.38 -3.01
N ILE A 260 10.81 7.37 -3.03
CA ILE A 260 11.23 7.11 -4.39
CA ILE A 260 11.13 7.07 -4.43
C ILE A 260 12.02 5.82 -4.31
C ILE A 260 12.03 5.84 -4.38
N TYR A 261 11.66 4.81 -5.12
CA TYR A 261 12.38 3.54 -5.10
C TYR A 261 13.48 3.50 -6.14
N ALA A 262 14.74 3.37 -5.69
CA ALA A 262 15.90 3.21 -6.57
C ALA A 262 16.38 1.78 -6.29
N ASP A 263 15.61 0.84 -6.81
CA ASP A 263 15.80 -0.57 -6.50
C ASP A 263 15.70 -1.49 -7.69
N GLY A 264 15.81 -0.94 -8.90
CA GLY A 264 15.69 -1.69 -10.16
C GLY A 264 14.25 -2.11 -10.47
N GLY A 265 13.28 -1.60 -9.71
CA GLY A 265 11.88 -1.97 -9.82
C GLY A 265 11.51 -3.24 -9.05
N ALA A 266 12.44 -3.77 -8.23
CA ALA A 266 12.22 -5.04 -7.52
C ALA A 266 10.96 -5.04 -6.64
N HIS A 267 10.65 -3.90 -5.99
CA HIS A 267 9.49 -3.89 -5.09
C HIS A 267 8.15 -4.04 -5.79
N THR A 268 8.09 -3.85 -7.12
CA THR A 268 6.84 -3.90 -7.87
C THR A 268 6.56 -5.29 -8.48
N GLN A 269 7.46 -6.25 -8.26
CA GLN A 269 7.41 -7.57 -8.89
C GLN A 269 7.50 -8.69 -7.84
N LEU A 270 6.78 -9.79 -8.05
CA LEU A 270 6.85 -10.94 -7.13
C LEU A 270 8.01 -11.83 -7.47
N LEU A 271 8.22 -12.03 -8.76
CA LEU A 271 9.36 -12.78 -9.30
C LEU A 271 9.52 -12.30 -10.75
N THR B 4 -22.22 -23.21 20.08
CA THR B 4 -23.04 -22.06 20.43
C THR B 4 -22.18 -20.78 20.40
N GLY B 5 -21.26 -20.62 21.35
CA GLY B 5 -20.40 -19.44 21.37
C GLY B 5 -19.27 -19.51 20.38
N LEU B 6 -18.95 -18.36 19.79
CA LEU B 6 -17.89 -18.24 18.80
C LEU B 6 -16.54 -18.69 19.40
N LEU B 7 -16.31 -18.42 20.70
CA LEU B 7 -15.05 -18.71 21.38
C LEU B 7 -15.20 -19.78 22.48
N ASP B 8 -16.16 -20.69 22.32
CA ASP B 8 -16.39 -21.72 23.31
C ASP B 8 -15.16 -22.58 23.59
N GLY B 9 -14.81 -22.72 24.85
CA GLY B 9 -13.67 -23.52 25.27
C GLY B 9 -12.31 -22.86 25.08
N LYS B 10 -12.27 -21.62 24.56
CA LYS B 10 -10.98 -20.95 24.34
C LYS B 10 -10.52 -20.20 25.58
N ARG B 11 -9.23 -20.31 25.90
CA ARG B 11 -8.66 -19.56 27.02
C ARG B 11 -7.92 -18.37 26.42
N ILE B 12 -8.33 -17.15 26.80
CA ILE B 12 -7.78 -15.94 26.18
C ILE B 12 -7.28 -14.92 27.20
N LEU B 13 -6.08 -14.38 26.97
CA LEU B 13 -5.55 -13.36 27.87
C LEU B 13 -5.90 -12.00 27.27
N VAL B 14 -6.45 -11.08 28.07
CA VAL B 14 -6.79 -9.75 27.57
C VAL B 14 -6.10 -8.70 28.41
N SER B 15 -5.22 -7.91 27.78
CA SER B 15 -4.53 -6.81 28.46
C SER B 15 -5.24 -5.50 28.08
N GLY B 16 -4.98 -4.41 28.81
CA GLY B 16 -5.43 -3.10 28.38
C GLY B 16 -6.71 -2.54 28.96
N ILE B 17 -7.34 -3.25 29.91
CA ILE B 17 -8.48 -2.67 30.58
C ILE B 17 -8.00 -1.65 31.60
N ILE B 18 -8.53 -0.42 31.53
CA ILE B 18 -8.32 0.59 32.58
C ILE B 18 -9.72 1.07 33.07
N THR B 19 -10.67 1.29 32.15
CA THR B 19 -12.04 1.70 32.49
C THR B 19 -13.06 0.83 31.72
N ASP B 20 -14.36 1.01 32.00
CA ASP B 20 -15.40 0.29 31.25
C ASP B 20 -15.59 0.86 29.82
N SER B 21 -14.85 1.93 29.44
CA SER B 21 -14.89 2.41 28.05
CA SER B 21 -14.89 2.41 28.05
C SER B 21 -13.69 1.86 27.26
N SER B 22 -12.70 1.21 27.93
CA SER B 22 -11.54 0.67 27.24
C SER B 22 -11.95 -0.23 26.12
N ILE B 23 -11.23 -0.18 24.97
CA ILE B 23 -11.53 -1.15 23.91
C ILE B 23 -11.38 -2.60 24.46
N ALA B 24 -10.37 -2.80 25.33
CA ALA B 24 -10.14 -4.12 25.94
C ALA B 24 -11.28 -4.58 26.83
N PHE B 25 -12.00 -3.64 27.47
CA PHE B 25 -13.15 -4.01 28.30
C PHE B 25 -14.24 -4.64 27.40
N HIS B 26 -14.51 -3.97 26.24
CA HIS B 26 -15.54 -4.47 25.31
C HIS B 26 -15.10 -5.76 24.64
N ILE B 27 -13.78 -5.91 24.37
CA ILE B 27 -13.28 -7.17 23.82
C ILE B 27 -13.55 -8.30 24.85
N ALA B 28 -13.19 -8.06 26.10
CA ALA B 28 -13.38 -9.06 27.16
C ALA B 28 -14.87 -9.42 27.32
N ARG B 29 -15.74 -8.40 27.31
CA ARG B 29 -17.19 -8.61 27.49
C ARG B 29 -17.73 -9.49 26.36
N VAL B 30 -17.42 -9.12 25.10
CA VAL B 30 -17.90 -9.90 23.94
C VAL B 30 -17.29 -11.33 23.96
N ALA B 31 -15.99 -11.44 24.28
CA ALA B 31 -15.35 -12.77 24.34
C ALA B 31 -16.05 -13.67 25.39
N GLN B 32 -16.41 -13.10 26.55
CA GLN B 32 -17.11 -13.87 27.59
C GLN B 32 -18.53 -14.23 27.16
N GLU B 33 -19.23 -13.29 26.49
CA GLU B 33 -20.57 -13.58 25.96
C GLU B 33 -20.49 -14.77 24.95
N GLN B 34 -19.34 -14.92 24.27
CA GLN B 34 -19.09 -16.00 23.30
C GLN B 34 -18.40 -17.22 23.89
N GLY B 35 -18.41 -17.37 25.21
CA GLY B 35 -17.92 -18.58 25.87
C GLY B 35 -16.45 -18.68 26.22
N ALA B 36 -15.68 -17.60 25.99
CA ALA B 36 -14.25 -17.68 26.30
C ALA B 36 -14.00 -17.65 27.80
N GLN B 37 -12.91 -18.25 28.23
CA GLN B 37 -12.49 -18.21 29.62
C GLN B 37 -11.32 -17.23 29.61
N LEU B 38 -11.42 -16.12 30.35
CA LEU B 38 -10.38 -15.10 30.30
C LEU B 38 -9.41 -15.08 31.45
N VAL B 39 -8.22 -14.53 31.16
CA VAL B 39 -7.21 -14.13 32.13
C VAL B 39 -6.98 -12.66 31.76
N LEU B 40 -7.09 -11.74 32.73
CA LEU B 40 -6.91 -10.31 32.43
C LEU B 40 -5.61 -9.78 32.97
N THR B 41 -4.96 -8.82 32.26
CA THR B 41 -3.77 -8.19 32.84
C THR B 41 -4.01 -6.69 32.92
N GLY B 42 -3.49 -6.09 33.97
CA GLY B 42 -3.68 -4.67 34.21
C GLY B 42 -2.43 -3.97 34.64
N PHE B 43 -2.35 -2.67 34.37
CA PHE B 43 -1.16 -1.90 34.71
C PHE B 43 -1.46 -0.81 35.72
N ASP B 44 -0.61 -0.71 36.76
CA ASP B 44 -0.56 0.39 37.73
C ASP B 44 -1.77 0.48 38.67
N ARG B 45 -2.96 0.77 38.15
CA ARG B 45 -4.14 1.01 38.97
C ARG B 45 -4.94 -0.23 39.17
N LEU B 46 -4.32 -1.23 39.84
CA LEU B 46 -4.96 -2.52 40.01
C LEU B 46 -6.24 -2.50 40.80
N ARG B 47 -6.36 -1.60 41.79
CA ARG B 47 -7.60 -1.54 42.59
C ARG B 47 -8.75 -1.08 41.71
N LEU B 48 -8.52 -0.02 40.92
CA LEU B 48 -9.52 0.46 39.97
C LEU B 48 -9.83 -0.64 38.93
N ILE B 49 -8.79 -1.24 38.32
CA ILE B 49 -8.99 -2.25 37.28
C ILE B 49 -9.81 -3.44 37.81
N GLN B 50 -9.53 -3.88 39.05
CA GLN B 50 -10.30 -4.99 39.63
C GLN B 50 -11.77 -4.63 39.76
N ARG B 51 -12.06 -3.41 40.23
CA ARG B 51 -13.44 -2.96 40.36
C ARG B 51 -14.15 -2.89 38.98
N ILE B 52 -13.42 -2.42 37.96
CA ILE B 52 -13.98 -2.32 36.61
C ILE B 52 -14.26 -3.71 36.05
N THR B 53 -13.29 -4.64 36.19
CA THR B 53 -13.47 -6.00 35.66
C THR B 53 -14.53 -6.80 36.41
N ASP B 54 -14.88 -6.40 37.64
CA ASP B 54 -16.00 -7.01 38.35
C ASP B 54 -17.33 -6.75 37.60
N ARG B 55 -17.38 -5.73 36.68
CA ARG B 55 -18.57 -5.42 35.88
C ARG B 55 -18.70 -6.32 34.63
N LEU B 56 -17.68 -7.15 34.33
CA LEU B 56 -17.76 -8.08 33.19
C LEU B 56 -18.78 -9.18 33.52
N PRO B 57 -19.39 -9.82 32.49
CA PRO B 57 -20.41 -10.84 32.77
C PRO B 57 -19.92 -12.07 33.55
N ALA B 58 -18.62 -12.36 33.52
CA ALA B 58 -18.06 -13.52 34.22
C ALA B 58 -16.77 -13.16 34.95
N LYS B 59 -16.43 -13.94 35.99
CA LYS B 59 -15.21 -13.70 36.73
C LYS B 59 -13.99 -14.09 35.92
N ALA B 60 -12.88 -13.40 36.15
CA ALA B 60 -11.63 -13.68 35.49
C ALA B 60 -10.52 -13.21 36.39
N PRO B 61 -9.47 -14.01 36.54
CA PRO B 61 -8.34 -13.57 37.37
C PRO B 61 -7.66 -12.36 36.74
N LEU B 62 -7.21 -11.43 37.60
CA LEU B 62 -6.48 -10.26 37.13
C LEU B 62 -5.03 -10.36 37.58
N LEU B 63 -4.11 -10.22 36.61
CA LEU B 63 -2.67 -10.28 36.85
C LEU B 63 -2.05 -8.95 36.58
N GLU B 64 -1.04 -8.57 37.37
CA GLU B 64 -0.36 -7.30 37.13
C GLU B 64 0.65 -7.43 35.99
N LEU B 65 0.63 -6.47 35.04
CA LEU B 65 1.62 -6.47 33.97
C LEU B 65 1.95 -5.06 33.51
N ASP B 66 3.15 -4.59 33.84
CA ASP B 66 3.69 -3.34 33.33
C ASP B 66 4.63 -3.85 32.21
N VAL B 67 4.33 -3.51 30.94
CA VAL B 67 5.17 -4.03 29.84
C VAL B 67 6.61 -3.50 29.83
N GLN B 68 6.89 -2.42 30.60
CA GLN B 68 8.29 -1.95 30.69
C GLN B 68 9.04 -2.67 31.82
N ASN B 69 8.34 -3.49 32.63
CA ASN B 69 8.94 -4.16 33.76
C ASN B 69 9.41 -5.55 33.34
N GLU B 70 10.74 -5.76 33.25
CA GLU B 70 11.29 -7.04 32.83
C GLU B 70 10.92 -8.20 33.76
N GLU B 71 10.82 -7.94 35.07
CA GLU B 71 10.45 -8.97 36.04
C GLU B 71 8.99 -9.42 35.82
N HIS B 72 8.09 -8.48 35.49
CA HIS B 72 6.69 -8.87 35.22
C HIS B 72 6.63 -9.77 33.98
N LEU B 73 7.39 -9.41 32.93
CA LEU B 73 7.36 -10.20 31.70
C LEU B 73 7.99 -11.57 31.91
N ALA B 74 9.07 -11.65 32.68
CA ALA B 74 9.74 -12.92 32.93
C ALA B 74 8.87 -13.88 33.76
N SER B 75 8.01 -13.34 34.64
CA SER B 75 7.14 -14.18 35.46
C SER B 75 5.75 -14.39 34.86
N LEU B 76 5.39 -13.66 33.78
CA LEU B 76 4.04 -13.69 33.20
C LEU B 76 3.52 -15.07 32.85
N ALA B 77 4.26 -15.87 32.07
CA ALA B 77 3.77 -17.19 31.65
C ALA B 77 3.47 -18.12 32.84
N GLY B 78 4.33 -18.08 33.87
CA GLY B 78 4.12 -18.89 35.06
C GLY B 78 2.88 -18.44 35.82
N ARG B 79 2.66 -17.12 35.88
CA ARG B 79 1.49 -16.58 36.56
C ARG B 79 0.20 -16.91 35.81
N VAL B 80 0.25 -16.89 34.47
CA VAL B 80 -0.91 -17.26 33.64
C VAL B 80 -1.19 -18.75 33.80
N THR B 81 -0.13 -19.60 33.80
CA THR B 81 -0.32 -21.05 33.95
C THR B 81 -0.96 -21.37 35.30
N GLU B 82 -0.59 -20.63 36.35
CA GLU B 82 -1.21 -20.81 37.65
C GLU B 82 -2.69 -20.42 37.59
N ALA B 83 -3.02 -19.36 36.86
CA ALA B 83 -4.41 -18.92 36.73
C ALA B 83 -5.30 -19.87 35.92
N ILE B 84 -4.75 -20.51 34.87
CA ILE B 84 -5.56 -21.39 34.04
C ILE B 84 -5.42 -22.87 34.35
N GLY B 85 -4.46 -23.22 35.18
CA GLY B 85 -4.22 -24.61 35.57
C GLY B 85 -3.07 -25.21 34.80
N ALA B 86 -2.18 -25.96 35.49
CA ALA B 86 -1.05 -26.64 34.84
C ALA B 86 -1.59 -27.62 33.79
N GLY B 87 -0.92 -27.72 32.65
CA GLY B 87 -1.40 -28.59 31.58
C GLY B 87 -2.33 -27.88 30.59
N ASN B 88 -2.85 -26.70 30.96
CA ASN B 88 -3.68 -25.93 30.04
C ASN B 88 -2.82 -24.81 29.43
N LYS B 89 -3.16 -24.44 28.21
CA LYS B 89 -2.47 -23.37 27.50
C LYS B 89 -3.49 -22.35 26.95
N LEU B 90 -3.00 -21.18 26.56
CA LEU B 90 -3.85 -20.14 26.01
C LEU B 90 -4.13 -20.42 24.55
N ASP B 91 -5.31 -20.04 24.10
CA ASP B 91 -5.69 -20.05 22.69
C ASP B 91 -5.61 -18.64 22.08
N GLY B 92 -5.68 -17.59 22.91
CA GLY B 92 -5.66 -16.23 22.40
C GLY B 92 -5.00 -15.25 23.33
N VAL B 93 -4.45 -14.18 22.74
CA VAL B 93 -3.78 -13.10 23.48
C VAL B 93 -4.22 -11.81 22.82
N VAL B 94 -4.69 -10.83 23.61
CA VAL B 94 -5.08 -9.52 23.09
C VAL B 94 -4.16 -8.47 23.72
N HIS B 95 -3.43 -7.74 22.87
CA HIS B 95 -2.59 -6.62 23.27
C HIS B 95 -3.46 -5.39 22.96
N SER B 96 -3.88 -4.66 24.01
CA SER B 96 -4.70 -3.45 23.79
C SER B 96 -4.06 -2.36 24.67
N ILE B 97 -2.78 -2.08 24.39
CA ILE B 97 -1.93 -1.21 25.22
C ILE B 97 -1.28 -0.14 24.41
N GLY B 98 -1.30 1.07 24.95
CA GLY B 98 -0.63 2.17 24.26
C GLY B 98 -0.34 3.30 25.21
N PHE B 99 0.72 4.05 24.93
CA PHE B 99 1.03 5.24 25.71
C PHE B 99 1.97 6.11 24.89
N MET B 100 1.83 7.44 25.05
CA MET B 100 2.76 8.38 24.48
C MET B 100 2.74 9.60 25.38
N PRO B 101 3.90 10.06 25.85
CA PRO B 101 3.93 11.28 26.67
C PRO B 101 3.32 12.46 25.91
N GLN B 102 2.82 13.44 26.64
CA GLN B 102 2.18 14.62 26.08
C GLN B 102 3.02 15.33 25.04
N THR B 103 4.36 15.41 25.23
CA THR B 103 5.20 16.08 24.23
C THR B 103 5.09 15.47 22.83
N GLY B 104 4.73 14.19 22.76
CA GLY B 104 4.63 13.52 21.46
C GLY B 104 3.28 13.58 20.79
N MET B 105 2.34 14.39 21.34
CA MET B 105 0.97 14.43 20.84
C MET B 105 0.37 15.85 20.72
N GLY B 106 -0.79 15.92 20.06
CA GLY B 106 -1.62 17.12 20.00
C GLY B 106 -1.01 18.33 19.35
N ILE B 107 -1.18 19.50 19.99
CA ILE B 107 -0.62 20.73 19.43
C ILE B 107 0.85 20.94 19.85
N ASN B 108 1.43 20.02 20.62
CA ASN B 108 2.84 20.13 21.02
C ASN B 108 3.69 19.89 19.76
N PRO B 109 4.62 20.80 19.46
CA PRO B 109 5.34 20.70 18.17
C PRO B 109 6.04 19.36 17.99
N PHE B 110 5.85 18.75 16.83
CA PHE B 110 6.47 17.46 16.49
C PHE B 110 7.98 17.42 16.81
N PHE B 111 8.68 18.48 16.46
CA PHE B 111 10.12 18.54 16.67
C PHE B 111 10.56 18.73 18.12
N ASP B 112 9.63 19.09 19.01
CA ASP B 112 10.02 19.37 20.40
C ASP B 112 9.88 18.15 21.33
N ALA B 113 9.44 16.97 20.80
CA ALA B 113 9.31 15.78 21.63
C ALA B 113 10.73 15.21 21.79
N PRO B 114 11.24 15.18 23.02
CA PRO B 114 12.59 14.61 23.22
C PRO B 114 12.59 13.12 22.98
N TYR B 115 13.74 12.56 22.57
CA TYR B 115 13.78 11.13 22.29
C TYR B 115 13.37 10.28 23.51
N ALA B 116 13.75 10.67 24.76
CA ALA B 116 13.35 9.85 25.93
C ALA B 116 11.81 9.65 25.99
N ASP B 117 11.04 10.68 25.59
CA ASP B 117 9.59 10.57 25.59
C ASP B 117 9.12 9.68 24.44
N VAL B 118 9.62 9.92 23.20
CA VAL B 118 9.26 9.07 22.04
C VAL B 118 9.61 7.59 22.34
N SER B 119 10.82 7.35 22.88
CA SER B 119 11.28 6.00 23.20
C SER B 119 10.33 5.28 24.20
N LYS B 120 9.84 6.00 25.23
N LYS B 120 9.85 6.01 25.22
CA LYS B 120 8.91 5.41 26.18
CA LYS B 120 8.92 5.42 26.18
C LYS B 120 7.62 4.98 25.47
C LYS B 120 7.61 5.00 25.50
N GLY B 121 7.11 5.86 24.60
CA GLY B 121 5.92 5.60 23.82
C GLY B 121 6.10 4.42 22.87
N ILE B 122 7.24 4.32 22.21
CA ILE B 122 7.50 3.19 21.29
C ILE B 122 7.66 1.88 22.09
N HIS B 123 8.27 1.96 23.28
CA HIS B 123 8.45 0.77 24.12
C HIS B 123 7.08 0.20 24.50
N ILE B 124 6.20 1.04 25.04
CA ILE B 124 4.90 0.57 25.48
C ILE B 124 3.99 0.22 24.34
N SER B 125 4.03 1.02 23.28
CA SER B 125 3.04 0.87 22.20
C SER B 125 3.40 -0.08 21.08
N ALA B 126 4.69 -0.34 20.86
CA ALA B 126 5.12 -1.19 19.76
C ALA B 126 6.00 -2.35 20.17
N TYR B 127 7.12 -2.09 20.88
CA TYR B 127 8.03 -3.16 21.27
C TYR B 127 7.31 -4.17 22.16
N SER B 128 6.41 -3.71 23.03
CA SER B 128 5.72 -4.61 23.96
C SER B 128 4.85 -5.66 23.28
N TYR B 129 4.47 -5.45 22.01
CA TYR B 129 3.73 -6.49 21.27
C TYR B 129 4.65 -7.71 21.09
N ALA B 130 5.94 -7.45 20.78
CA ALA B 130 6.92 -8.51 20.67
C ALA B 130 7.22 -9.09 22.08
N SER B 131 7.28 -8.24 23.13
N SER B 131 7.47 -8.26 23.12
CA SER B 131 7.51 -8.73 24.50
CA SER B 131 7.80 -8.82 24.44
C SER B 131 6.45 -9.73 24.93
C SER B 131 6.62 -9.63 25.04
N MET B 132 5.16 -9.37 24.78
N MET B 132 5.36 -9.32 24.64
CA MET B 132 4.09 -10.26 25.19
CA MET B 132 4.20 -10.09 25.10
C MET B 132 4.07 -11.53 24.37
C MET B 132 4.17 -11.44 24.39
N ALA B 133 4.42 -11.44 23.07
CA ALA B 133 4.44 -12.66 22.24
C ALA B 133 5.59 -13.57 22.71
N LYS B 134 6.74 -12.98 23.07
CA LYS B 134 7.89 -13.77 23.54
C LYS B 134 7.50 -14.50 24.84
N ALA B 135 6.82 -13.79 25.75
CA ALA B 135 6.43 -14.38 27.03
C ALA B 135 5.34 -15.42 26.91
N LEU B 136 4.39 -15.22 25.98
CA LEU B 136 3.20 -16.07 25.94
C LEU B 136 3.18 -17.19 24.88
N LEU B 137 3.94 -17.05 23.78
CA LEU B 137 4.00 -18.11 22.78
C LEU B 137 4.35 -19.51 23.37
N PRO B 138 5.30 -19.61 24.31
CA PRO B 138 5.58 -20.93 24.93
C PRO B 138 4.39 -21.57 25.66
N ILE B 139 3.35 -20.78 25.97
CA ILE B 139 2.15 -21.31 26.60
C ILE B 139 0.90 -21.11 25.72
N MET B 140 1.06 -21.13 24.38
CA MET B 140 -0.08 -21.04 23.48
C MET B 140 -0.27 -22.33 22.70
N ASN B 141 -1.53 -22.67 22.43
CA ASN B 141 -1.83 -23.88 21.65
C ASN B 141 -1.73 -23.61 20.16
N PRO B 142 -1.44 -24.66 19.34
CA PRO B 142 -1.53 -24.47 17.88
C PRO B 142 -2.96 -24.08 17.50
N GLY B 143 -3.09 -23.30 16.45
CA GLY B 143 -4.38 -22.73 16.07
C GLY B 143 -4.71 -21.45 16.84
N GLY B 144 -3.83 -21.04 17.75
CA GLY B 144 -4.01 -19.83 18.57
C GLY B 144 -3.90 -18.53 17.81
N SER B 145 -4.21 -17.43 18.50
CA SER B 145 -4.28 -16.15 17.84
C SER B 145 -3.84 -15.00 18.76
N ILE B 146 -2.96 -14.15 18.27
CA ILE B 146 -2.51 -12.95 18.99
C ILE B 146 -3.07 -11.76 18.21
N VAL B 147 -3.74 -10.81 18.93
CA VAL B 147 -4.31 -9.66 18.26
C VAL B 147 -3.86 -8.39 18.95
N GLY B 148 -3.43 -7.38 18.20
CA GLY B 148 -3.06 -6.09 18.79
C GLY B 148 -3.89 -4.98 18.17
N MET B 149 -3.99 -3.81 18.86
CA MET B 149 -4.80 -2.70 18.37
C MET B 149 -3.96 -1.65 17.65
N ASP B 150 -4.43 -1.24 16.45
CA ASP B 150 -3.71 -0.31 15.59
C ASP B 150 -4.61 0.90 15.27
N PHE B 151 -4.02 2.02 14.83
CA PHE B 151 -4.76 3.19 14.34
C PHE B 151 -3.99 3.54 13.07
N ASP B 152 -4.64 3.40 11.90
CA ASP B 152 -3.98 3.49 10.58
C ASP B 152 -2.96 4.61 10.45
N PRO B 153 -1.67 4.27 10.41
CA PRO B 153 -0.63 5.31 10.37
C PRO B 153 -0.01 5.49 8.99
N SER B 154 -0.66 4.97 7.90
CA SER B 154 -0.09 5.05 6.55
CA SER B 154 -0.15 5.04 6.52
C SER B 154 0.09 6.45 6.01
N ARG B 155 -0.65 7.44 6.57
N ARG B 155 -0.64 7.42 6.57
CA ARG B 155 -0.56 8.84 6.17
CA ARG B 155 -0.51 8.83 6.24
C ARG B 155 -0.47 9.74 7.44
C ARG B 155 -0.31 9.66 7.52
N ALA B 156 0.33 10.82 7.38
CA ALA B 156 0.48 11.72 8.51
C ALA B 156 -0.86 12.44 8.71
N MET B 157 -1.12 12.90 9.92
CA MET B 157 -2.40 13.52 10.24
C MET B 157 -2.20 14.44 11.42
N PRO B 158 -3.17 15.34 11.65
CA PRO B 158 -3.06 16.21 12.83
C PRO B 158 -3.10 15.41 14.13
N ALA B 159 -2.45 15.95 15.17
CA ALA B 159 -2.50 15.52 16.58
C ALA B 159 -1.94 14.15 16.92
N TYR B 160 -2.07 13.14 16.07
CA TYR B 160 -1.59 11.80 16.42
C TYR B 160 -0.07 11.79 16.53
N ASN B 161 0.62 12.67 15.76
CA ASN B 161 2.05 12.96 15.86
C ASN B 161 2.93 11.72 16.09
N TRP B 162 3.66 11.62 17.24
CA TRP B 162 4.57 10.50 17.44
C TRP B 162 3.88 9.16 17.70
N MET B 163 2.58 9.19 18.10
CA MET B 163 1.85 7.92 18.21
C MET B 163 1.71 7.30 16.81
N THR B 164 1.64 8.14 15.74
CA THR B 164 1.58 7.59 14.36
C THR B 164 2.86 6.80 14.09
N VAL B 165 4.01 7.35 14.52
CA VAL B 165 5.29 6.67 14.34
C VAL B 165 5.33 5.33 15.12
N ALA B 166 4.81 5.33 16.37
CA ALA B 166 4.74 4.12 17.19
C ALA B 166 3.85 3.08 16.51
N LYS B 167 2.70 3.50 15.93
CA LYS B 167 1.83 2.53 15.23
C LYS B 167 2.50 2.00 13.94
N SER B 168 3.24 2.85 13.21
CA SER B 168 4.00 2.35 12.02
C SER B 168 5.00 1.28 12.44
N ALA B 169 5.67 1.52 13.57
CA ALA B 169 6.61 0.55 14.12
C ALA B 169 5.83 -0.72 14.55
N LEU B 170 4.69 -0.57 15.18
CA LEU B 170 3.88 -1.72 15.64
C LEU B 170 3.46 -2.58 14.45
N GLU B 171 3.07 -1.96 13.33
CA GLU B 171 2.69 -2.75 12.13
C GLU B 171 3.87 -3.62 11.64
N SER B 172 5.08 -3.05 11.70
CA SER B 172 6.26 -3.77 11.26
C SER B 172 6.57 -4.91 12.27
N VAL B 173 6.49 -4.60 13.59
CA VAL B 173 6.67 -5.60 14.65
C VAL B 173 5.71 -6.77 14.46
N ASN B 174 4.42 -6.47 14.17
CA ASN B 174 3.43 -7.52 13.93
C ASN B 174 3.87 -8.52 12.86
N ARG B 175 4.45 -8.01 11.76
CA ARG B 175 4.86 -8.93 10.66
C ARG B 175 5.97 -9.87 11.12
N PHE B 176 6.88 -9.38 12.00
CA PHE B 176 7.95 -10.23 12.53
C PHE B 176 7.42 -11.16 13.63
N VAL B 177 6.47 -10.69 14.44
CA VAL B 177 5.84 -11.57 15.44
C VAL B 177 5.09 -12.71 14.71
N ALA B 178 4.50 -12.45 13.54
CA ALA B 178 3.87 -13.50 12.74
C ALA B 178 4.85 -14.59 12.36
N ARG B 179 6.09 -14.20 11.98
CA ARG B 179 7.10 -15.20 11.62
C ARG B 179 7.42 -16.09 12.81
N GLU B 180 7.57 -15.50 14.01
CA GLU B 180 7.85 -16.28 15.20
C GLU B 180 6.65 -17.12 15.63
N ALA B 181 5.46 -16.52 15.62
CA ALA B 181 4.25 -17.20 16.05
C ALA B 181 3.91 -18.39 15.13
N GLY B 182 4.25 -18.30 13.85
CA GLY B 182 3.99 -19.37 12.89
C GLY B 182 4.66 -20.69 13.27
N LYS B 183 5.81 -20.59 13.96
CA LYS B 183 6.54 -21.79 14.46
C LYS B 183 5.68 -22.58 15.48
N TYR B 184 4.76 -21.91 16.16
CA TYR B 184 3.85 -22.50 17.15
C TYR B 184 2.43 -22.79 16.56
N GLY B 185 2.22 -22.52 15.28
CA GLY B 185 0.92 -22.65 14.64
C GLY B 185 -0.02 -21.53 15.09
N VAL B 186 0.54 -20.39 15.47
CA VAL B 186 -0.24 -19.27 16.00
C VAL B 186 -0.24 -18.10 15.02
N ARG B 187 -1.40 -17.43 14.90
CA ARG B 187 -1.53 -16.25 14.03
C ARG B 187 -1.26 -14.98 14.84
N SER B 188 -0.81 -13.92 14.18
N SER B 188 -0.83 -13.90 14.18
CA SER B 188 -0.59 -12.63 14.81
CA SER B 188 -0.60 -12.62 14.86
C SER B 188 -1.19 -11.61 13.87
C SER B 188 -1.06 -11.48 13.95
N ASN B 189 -2.09 -10.73 14.35
CA ASN B 189 -2.67 -9.70 13.48
C ASN B 189 -3.02 -8.47 14.27
N LEU B 190 -3.21 -7.36 13.57
CA LEU B 190 -3.68 -6.14 14.23
C LEU B 190 -5.06 -5.81 13.74
N VAL B 191 -5.83 -5.10 14.58
CA VAL B 191 -7.12 -4.54 14.17
C VAL B 191 -6.91 -3.03 14.17
N ALA B 192 -7.07 -2.38 12.99
CA ALA B 192 -6.97 -0.93 12.89
C ALA B 192 -8.36 -0.39 13.08
N ALA B 193 -8.60 0.17 14.26
CA ALA B 193 -9.95 0.62 14.59
C ALA B 193 -10.13 2.07 14.26
N GLY B 194 -11.38 2.46 14.01
CA GLY B 194 -11.73 3.87 13.93
C GLY B 194 -11.67 4.46 15.34
N PRO B 195 -11.95 5.76 15.45
CA PRO B 195 -11.84 6.43 16.76
C PRO B 195 -12.97 6.03 17.72
N ILE B 196 -12.60 5.77 18.97
CA ILE B 196 -13.51 5.38 20.05
C ILE B 196 -13.23 6.22 21.31
N ARG B 197 -14.28 6.75 21.91
N ARG B 197 -14.28 6.71 21.96
CA ARG B 197 -14.12 7.53 23.13
CA ARG B 197 -14.24 7.56 23.17
C ARG B 197 -13.68 6.60 24.26
C ARG B 197 -13.73 6.80 24.44
N THR B 198 -12.40 6.69 24.59
CA THR B 198 -11.78 5.97 25.69
C THR B 198 -10.99 6.96 26.58
N LEU B 199 -10.45 6.49 27.72
CA LEU B 199 -9.62 7.30 28.61
C LEU B 199 -8.40 7.81 27.85
N ALA B 200 -7.71 6.97 27.04
CA ALA B 200 -6.57 7.44 26.25
C ALA B 200 -6.99 8.58 25.28
N MET B 201 -8.16 8.45 24.61
CA MET B 201 -8.60 9.55 23.73
C MET B 201 -8.80 10.85 24.52
N SER B 202 -9.45 10.78 25.69
CA SER B 202 -9.73 12.01 26.45
C SER B 202 -8.52 12.55 27.18
N ALA B 203 -7.82 11.70 27.93
CA ALA B 203 -6.71 12.15 28.75
C ALA B 203 -5.39 12.37 28.00
N ILE B 204 -5.08 11.50 27.04
CA ILE B 204 -3.82 11.62 26.29
C ILE B 204 -3.97 12.53 25.08
N VAL B 205 -4.81 12.15 24.11
CA VAL B 205 -5.00 12.95 22.90
C VAL B 205 -5.67 14.30 23.25
N GLY B 206 -6.82 14.26 23.94
CA GLY B 206 -7.53 15.47 24.34
C GLY B 206 -6.68 16.38 25.21
N GLY B 207 -5.94 15.81 26.14
CA GLY B 207 -5.05 16.58 27.01
C GLY B 207 -3.99 17.35 26.22
N ALA B 208 -3.45 16.73 25.16
CA ALA B 208 -2.42 17.35 24.33
C ALA B 208 -2.97 18.38 23.31
N LEU B 209 -4.28 18.36 23.08
CA LEU B 209 -4.90 19.33 22.17
C LEU B 209 -5.24 20.66 22.82
N GLY B 210 -5.16 20.73 24.15
CA GLY B 210 -5.44 21.93 24.91
C GLY B 210 -6.85 22.47 24.70
N GLU B 211 -6.93 23.77 24.43
CA GLU B 211 -8.21 24.45 24.19
C GLU B 211 -8.95 23.98 22.93
N GLU B 212 -8.28 23.23 22.05
CA GLU B 212 -8.87 22.77 20.80
C GLU B 212 -9.42 21.34 20.86
N ALA B 213 -9.29 20.63 21.99
CA ALA B 213 -9.73 19.24 22.11
C ALA B 213 -11.18 18.97 21.64
N GLY B 214 -12.15 19.74 22.12
CA GLY B 214 -13.55 19.52 21.75
C GLY B 214 -13.84 19.66 20.27
N ALA B 215 -13.36 20.74 19.65
CA ALA B 215 -13.58 21.00 18.23
C ALA B 215 -12.83 20.03 17.33
N GLN B 216 -11.60 19.68 17.69
CA GLN B 216 -10.79 18.78 16.88
C GLN B 216 -11.37 17.37 16.89
N ILE B 217 -11.88 16.92 18.04
CA ILE B 217 -12.45 15.58 18.15
C ILE B 217 -13.81 15.52 17.43
N GLN B 218 -14.57 16.63 17.46
CA GLN B 218 -15.87 16.70 16.76
C GLN B 218 -15.66 16.59 15.26
N LEU B 219 -14.65 17.31 14.72
CA LEU B 219 -14.30 17.26 13.29
C LEU B 219 -13.83 15.86 12.91
N LEU B 220 -13.02 15.23 13.77
CA LEU B 220 -12.53 13.86 13.54
C LEU B 220 -13.74 12.90 13.43
N GLU B 221 -14.65 12.92 14.41
CA GLU B 221 -15.81 12.04 14.45
C GLU B 221 -16.71 12.27 13.21
N GLU B 222 -17.03 13.54 12.91
CA GLU B 222 -17.90 13.87 11.80
C GLU B 222 -17.31 13.41 10.48
N GLY B 223 -16.03 13.68 10.27
CA GLY B 223 -15.35 13.30 9.05
C GLY B 223 -15.26 11.80 8.91
N TRP B 224 -15.02 11.09 10.02
CA TRP B 224 -14.89 9.63 9.96
C TRP B 224 -16.23 9.02 9.57
N ASP B 225 -17.31 9.49 10.20
CA ASP B 225 -18.63 8.98 9.90
C ASP B 225 -19.00 9.28 8.42
N GLN B 226 -18.60 10.45 7.91
CA GLN B 226 -18.89 10.83 6.53
C GLN B 226 -18.12 9.93 5.53
N ARG B 227 -16.82 9.74 5.75
CA ARG B 227 -15.94 8.94 4.89
C ARG B 227 -16.35 7.43 4.91
N ALA B 228 -16.76 6.94 6.07
CA ALA B 228 -17.09 5.51 6.22
C ALA B 228 -18.38 5.19 5.45
N PRO B 229 -18.35 4.28 4.45
CA PRO B 229 -19.61 4.00 3.71
C PRO B 229 -20.75 3.48 4.58
N ILE B 230 -20.41 2.76 5.66
CA ILE B 230 -21.42 2.26 6.59
C ILE B 230 -21.54 3.12 7.87
N GLY B 231 -20.87 4.25 7.90
CA GLY B 231 -20.87 5.17 9.02
C GLY B 231 -19.97 4.73 10.15
N TRP B 232 -19.88 5.59 11.18
CA TRP B 232 -19.03 5.30 12.32
C TRP B 232 -19.59 5.97 13.56
N ASN B 233 -19.68 5.21 14.64
CA ASN B 233 -20.15 5.76 15.91
C ASN B 233 -19.00 5.65 16.94
N MET B 234 -18.39 6.79 17.33
CA MET B 234 -17.27 6.79 18.30
C MET B 234 -17.67 6.36 19.71
N LYS B 235 -18.98 6.40 20.03
CA LYS B 235 -19.43 5.96 21.36
C LYS B 235 -19.65 4.44 21.43
N ASP B 236 -19.42 3.71 20.32
CA ASP B 236 -19.73 2.29 20.26
C ASP B 236 -18.50 1.45 19.94
N ALA B 237 -17.90 0.82 20.96
CA ALA B 237 -16.73 -0.03 20.73
C ALA B 237 -17.11 -1.47 20.32
N THR B 238 -18.40 -1.84 20.41
CA THR B 238 -18.81 -3.21 20.09
C THR B 238 -18.36 -3.68 18.69
N PRO B 239 -18.49 -2.90 17.58
CA PRO B 239 -18.03 -3.42 16.28
C PRO B 239 -16.54 -3.77 16.29
N VAL B 240 -15.74 -3.00 17.04
CA VAL B 240 -14.30 -3.27 17.12
C VAL B 240 -14.07 -4.55 17.93
N ALA B 241 -14.78 -4.68 19.07
CA ALA B 241 -14.66 -5.89 19.91
C ALA B 241 -15.05 -7.14 19.14
N LYS B 242 -16.13 -7.06 18.34
N LYS B 242 -16.14 -7.07 18.36
CA LYS B 242 -16.58 -8.20 17.53
CA LYS B 242 -16.56 -8.23 17.56
C LYS B 242 -15.50 -8.61 16.53
C LYS B 242 -15.48 -8.62 16.54
N THR B 243 -14.82 -7.63 15.93
CA THR B 243 -13.76 -7.87 14.95
C THR B 243 -12.57 -8.59 15.61
N VAL B 244 -12.19 -8.16 16.81
CA VAL B 244 -11.10 -8.83 17.54
C VAL B 244 -11.50 -10.28 17.84
N CYS B 245 -12.76 -10.49 18.25
CA CYS B 245 -13.26 -11.85 18.50
C CYS B 245 -13.27 -12.72 17.26
N ALA B 246 -13.56 -12.13 16.09
CA ALA B 246 -13.48 -12.86 14.83
C ALA B 246 -12.03 -13.37 14.61
N LEU B 247 -11.02 -12.50 14.88
CA LEU B 247 -9.62 -12.94 14.71
C LEU B 247 -9.20 -13.98 15.77
N LEU B 248 -9.76 -13.91 16.97
CA LEU B 248 -9.45 -14.89 18.02
C LEU B 248 -10.13 -16.23 17.72
N SER B 249 -11.19 -16.21 16.90
CA SER B 249 -11.94 -17.40 16.55
C SER B 249 -11.21 -18.27 15.51
N ASP B 250 -11.83 -19.39 15.16
CA ASP B 250 -11.27 -20.27 14.13
C ASP B 250 -11.72 -19.85 12.71
N TRP B 251 -12.44 -18.70 12.58
CA TRP B 251 -13.02 -18.30 11.31
C TRP B 251 -12.16 -17.42 10.42
N LEU B 252 -10.95 -17.02 10.86
CA LEU B 252 -9.98 -16.34 10.00
C LEU B 252 -8.67 -17.15 10.15
N PRO B 253 -8.68 -18.44 9.75
CA PRO B 253 -7.53 -19.30 10.05
C PRO B 253 -6.34 -19.14 9.13
N ALA B 254 -6.50 -18.38 8.04
CA ALA B 254 -5.43 -18.27 7.05
C ALA B 254 -4.87 -16.84 7.00
N THR B 255 -5.15 -16.01 8.01
CA THR B 255 -4.73 -14.62 8.01
C THR B 255 -3.70 -14.42 9.12
N THR B 256 -2.51 -13.93 8.77
CA THR B 256 -1.47 -13.68 9.77
C THR B 256 -0.49 -12.64 9.24
N GLY B 257 0.16 -11.94 10.18
CA GLY B 257 1.04 -10.81 9.90
C GLY B 257 0.30 -9.66 9.24
N ASP B 258 -1.02 -9.58 9.43
CA ASP B 258 -1.90 -8.71 8.69
C ASP B 258 -2.64 -7.71 9.55
N ILE B 259 -3.38 -6.82 8.87
CA ILE B 259 -4.15 -5.78 9.53
C ILE B 259 -5.57 -5.84 9.01
N ILE B 260 -6.51 -6.00 9.93
N ILE B 260 -6.54 -5.95 9.93
CA ILE B 260 -7.95 -5.98 9.62
CA ILE B 260 -7.96 -5.96 9.56
C ILE B 260 -8.43 -4.57 10.00
C ILE B 260 -8.57 -4.65 10.03
N TYR B 261 -9.20 -3.90 9.12
CA TYR B 261 -9.68 -2.54 9.41
C TYR B 261 -11.11 -2.55 9.93
N ALA B 262 -11.32 -2.19 11.21
CA ALA B 262 -12.66 -2.11 11.81
C ALA B 262 -12.88 -0.62 11.98
N ASP B 263 -13.07 0.04 10.84
CA ASP B 263 -13.12 1.51 10.83
C ASP B 263 -14.29 2.07 10.02
N GLY B 264 -15.28 1.23 9.73
CA GLY B 264 -16.43 1.62 8.89
C GLY B 264 -16.09 1.74 7.41
N GLY B 265 -14.88 1.28 7.01
CA GLY B 265 -14.41 1.43 5.64
C GLY B 265 -13.80 2.80 5.33
N ALA B 266 -13.64 3.67 6.35
CA ALA B 266 -13.10 5.01 6.12
C ALA B 266 -11.76 5.03 5.41
N HIS B 267 -10.85 4.09 5.74
CA HIS B 267 -9.51 4.14 5.14
C HIS B 267 -9.48 3.89 3.64
N THR B 268 -10.57 3.36 3.06
CA THR B 268 -10.61 3.06 1.63
C THR B 268 -11.24 4.18 0.80
N GLN B 269 -11.63 5.31 1.46
CA GLN B 269 -12.36 6.36 0.82
C GLN B 269 -11.77 7.74 1.06
N LEU B 270 -12.14 8.67 0.18
CA LEU B 270 -11.95 10.13 0.23
C LEU B 270 -13.34 10.81 0.03
N LEU B 271 -13.52 12.01 0.59
CA LEU B 271 -14.77 12.76 0.43
C LEU B 271 -14.48 14.23 0.29
N GLY C 5 -24.87 -22.22 14.63
CA GLY C 5 -24.25 -21.93 13.36
C GLY C 5 -23.90 -20.47 13.19
N LEU C 6 -22.73 -20.20 12.63
CA LEU C 6 -22.25 -18.84 12.39
C LEU C 6 -23.22 -18.04 11.50
N LEU C 7 -23.93 -18.73 10.57
CA LEU C 7 -24.81 -18.06 9.63
C LEU C 7 -26.28 -18.50 9.77
N ASP C 8 -26.67 -18.93 11.00
CA ASP C 8 -28.04 -19.38 11.24
C ASP C 8 -29.06 -18.33 10.83
N GLY C 9 -30.02 -18.73 10.01
CA GLY C 9 -31.09 -17.87 9.58
C GLY C 9 -30.77 -16.98 8.39
N LYS C 10 -29.49 -16.93 7.96
CA LYS C 10 -29.11 -16.07 6.83
C LYS C 10 -29.45 -16.68 5.47
N ARG C 11 -29.88 -15.83 4.53
CA ARG C 11 -30.16 -16.27 3.16
C ARG C 11 -29.03 -15.70 2.29
N ILE C 12 -28.27 -16.58 1.64
CA ILE C 12 -27.07 -16.15 0.91
C ILE C 12 -27.02 -16.70 -0.53
N LEU C 13 -26.74 -15.81 -1.48
CA LEU C 13 -26.59 -16.22 -2.87
C LEU C 13 -25.11 -16.52 -3.11
N VAL C 14 -24.80 -17.68 -3.71
CA VAL C 14 -23.43 -18.04 -3.99
C VAL C 14 -23.29 -18.32 -5.48
N SER C 15 -22.49 -17.49 -6.18
N SER C 15 -22.45 -17.54 -6.19
CA SER C 15 -22.22 -17.74 -7.60
CA SER C 15 -22.19 -17.66 -7.62
C SER C 15 -20.89 -18.49 -7.74
C SER C 15 -20.80 -18.23 -7.87
N GLY C 16 -20.64 -19.05 -8.92
CA GLY C 16 -19.31 -19.58 -9.24
C GLY C 16 -19.00 -21.04 -9.03
N ILE C 17 -20.01 -21.84 -8.71
CA ILE C 17 -19.77 -23.28 -8.66
C ILE C 17 -19.72 -23.83 -10.09
N ILE C 18 -18.63 -24.56 -10.41
CA ILE C 18 -18.53 -25.30 -11.67
C ILE C 18 -18.09 -26.75 -11.37
N THR C 19 -17.20 -26.96 -10.38
CA THR C 19 -16.82 -28.32 -9.99
C THR C 19 -16.86 -28.41 -8.43
N ASP C 20 -16.65 -29.64 -7.87
CA ASP C 20 -16.62 -29.72 -6.40
C ASP C 20 -15.26 -29.26 -5.83
N SER C 21 -14.35 -28.76 -6.69
CA SER C 21 -13.11 -28.11 -6.24
C SER C 21 -13.27 -26.60 -6.28
N SER C 22 -14.36 -26.04 -6.89
CA SER C 22 -14.53 -24.59 -6.97
C SER C 22 -14.45 -23.96 -5.60
N ILE C 23 -13.80 -22.78 -5.51
CA ILE C 23 -13.80 -22.08 -4.21
C ILE C 23 -15.28 -21.83 -3.76
N ALA C 24 -16.17 -21.56 -4.73
CA ALA C 24 -17.59 -21.34 -4.42
C ALA C 24 -18.25 -22.59 -3.86
N PHE C 25 -17.82 -23.81 -4.31
CA PHE C 25 -18.43 -25.02 -3.79
C PHE C 25 -18.11 -25.15 -2.29
N HIS C 26 -16.86 -24.86 -1.92
CA HIS C 26 -16.46 -24.93 -0.52
C HIS C 26 -17.08 -23.82 0.34
N ILE C 27 -17.25 -22.62 -0.22
CA ILE C 27 -17.96 -21.53 0.48
C ILE C 27 -19.41 -22.00 0.73
N ALA C 28 -20.06 -22.59 -0.29
CA ALA C 28 -21.44 -23.04 -0.14
C ALA C 28 -21.54 -24.17 0.91
N ARG C 29 -20.60 -25.10 0.88
CA ARG C 29 -20.59 -26.22 1.83
C ARG C 29 -20.44 -25.71 3.25
N VAL C 30 -19.43 -24.85 3.51
CA VAL C 30 -19.20 -24.35 4.86
C VAL C 30 -20.39 -23.48 5.31
N ALA C 31 -20.96 -22.70 4.39
CA ALA C 31 -22.10 -21.84 4.72
C ALA C 31 -23.31 -22.70 5.14
N GLN C 32 -23.58 -23.80 4.42
CA GLN C 32 -24.68 -24.70 4.81
C GLN C 32 -24.40 -25.37 6.15
N GLU C 33 -23.14 -25.80 6.38
CA GLU C 33 -22.76 -26.42 7.66
C GLU C 33 -23.01 -25.45 8.82
N GLN C 34 -22.91 -24.14 8.55
CA GLN C 34 -23.12 -23.08 9.52
C GLN C 34 -24.55 -22.52 9.55
N GLY C 35 -25.49 -23.24 8.95
CA GLY C 35 -26.91 -22.91 9.02
C GLY C 35 -27.49 -21.96 8.00
N ALA C 36 -26.71 -21.55 7.00
CA ALA C 36 -27.25 -20.63 5.99
C ALA C 36 -28.18 -21.36 5.02
N GLN C 37 -29.15 -20.63 4.46
N GLN C 37 -29.15 -20.62 4.47
CA GLN C 37 -30.05 -21.12 3.44
CA GLN C 37 -30.05 -21.13 3.44
C GLN C 37 -29.55 -20.48 2.14
C GLN C 37 -29.54 -20.49 2.13
N LEU C 38 -29.15 -21.31 1.16
CA LEU C 38 -28.55 -20.78 -0.07
C LEU C 38 -29.43 -20.71 -1.28
N VAL C 39 -29.07 -19.79 -2.19
CA VAL C 39 -29.55 -19.73 -3.57
C VAL C 39 -28.24 -19.77 -4.37
N LEU C 40 -28.14 -20.66 -5.35
CA LEU C 40 -26.89 -20.79 -6.11
C LEU C 40 -27.09 -20.25 -7.52
N THR C 41 -26.05 -19.70 -8.14
CA THR C 41 -26.11 -19.33 -9.56
C THR C 41 -25.01 -20.06 -10.32
N GLY C 42 -25.33 -20.44 -11.56
CA GLY C 42 -24.40 -21.18 -12.40
C GLY C 42 -24.38 -20.63 -13.80
N PHE C 43 -23.27 -20.88 -14.51
CA PHE C 43 -23.09 -20.41 -15.87
C PHE C 43 -22.95 -21.57 -16.87
N ASP C 44 -23.70 -21.47 -17.98
CA ASP C 44 -23.59 -22.27 -19.19
C ASP C 44 -24.11 -23.71 -19.01
N ARG C 45 -23.34 -24.60 -18.38
CA ARG C 45 -23.73 -26.00 -18.28
C ARG C 45 -24.53 -26.29 -17.01
N LEU C 46 -25.77 -25.77 -16.95
CA LEU C 46 -26.61 -25.86 -15.76
C LEU C 46 -26.99 -27.29 -15.36
N ARG C 47 -27.17 -28.21 -16.32
CA ARG C 47 -27.49 -29.59 -15.97
C ARG C 47 -26.30 -30.22 -15.23
N LEU C 48 -25.09 -29.97 -15.73
N LEU C 48 -25.08 -29.96 -15.74
CA LEU C 48 -23.89 -30.50 -15.10
CA LEU C 48 -23.85 -30.46 -15.14
C LEU C 48 -23.69 -29.84 -13.74
C LEU C 48 -23.67 -29.83 -13.77
N ILE C 49 -23.91 -28.51 -13.66
CA ILE C 49 -23.73 -27.80 -12.39
C ILE C 49 -24.69 -28.33 -11.31
N GLN C 50 -25.96 -28.62 -11.69
CA GLN C 50 -26.91 -29.19 -10.74
C GLN C 50 -26.41 -30.52 -10.17
N ARG C 51 -25.74 -31.36 -11.00
CA ARG C 51 -25.20 -32.63 -10.49
C ARG C 51 -24.08 -32.36 -9.45
N ILE C 52 -23.30 -31.28 -9.64
CA ILE C 52 -22.27 -30.91 -8.68
C ILE C 52 -22.92 -30.39 -7.41
N THR C 53 -23.91 -29.47 -7.53
CA THR C 53 -24.53 -28.89 -6.34
C THR C 53 -25.33 -29.95 -5.56
N ASP C 54 -25.72 -31.07 -6.20
CA ASP C 54 -26.36 -32.16 -5.46
C ASP C 54 -25.38 -32.76 -4.42
N ARG C 55 -24.04 -32.55 -4.57
CA ARG C 55 -23.04 -33.05 -3.60
C ARG C 55 -22.95 -32.18 -2.34
N LEU C 56 -23.61 -31.00 -2.31
CA LEU C 56 -23.58 -30.15 -1.11
C LEU C 56 -24.43 -30.82 0.01
N PRO C 57 -24.20 -30.48 1.28
CA PRO C 57 -24.96 -31.15 2.37
C PRO C 57 -26.47 -30.86 2.40
N ALA C 58 -26.92 -29.81 1.72
CA ALA C 58 -28.35 -29.48 1.71
C ALA C 58 -28.80 -28.95 0.34
N LYS C 59 -30.09 -29.12 0.06
CA LYS C 59 -30.63 -28.67 -1.22
C LYS C 59 -30.61 -27.16 -1.31
N ALA C 60 -30.47 -26.65 -2.54
CA ALA C 60 -30.49 -25.22 -2.77
C ALA C 60 -30.97 -24.98 -4.20
N PRO C 61 -31.86 -23.99 -4.43
CA PRO C 61 -32.26 -23.67 -5.80
C PRO C 61 -31.07 -23.17 -6.60
N LEU C 62 -30.99 -23.57 -7.87
CA LEU C 62 -29.92 -23.16 -8.76
C LEU C 62 -30.50 -22.32 -9.89
N LEU C 63 -29.98 -21.11 -10.07
CA LEU C 63 -30.44 -20.19 -11.09
C LEU C 63 -29.35 -19.96 -12.13
N GLU C 64 -29.76 -19.73 -13.38
CA GLU C 64 -28.78 -19.43 -14.42
C GLU C 64 -28.36 -17.98 -14.37
N LEU C 65 -27.05 -17.72 -14.44
CA LEU C 65 -26.55 -16.36 -14.49
C LEU C 65 -25.24 -16.32 -15.28
N ASP C 66 -25.31 -15.76 -16.49
CA ASP C 66 -24.13 -15.43 -17.32
C ASP C 66 -24.01 -13.92 -17.06
N VAL C 67 -22.90 -13.50 -16.42
CA VAL C 67 -22.78 -12.08 -16.05
C VAL C 67 -22.61 -11.14 -17.23
N GLN C 68 -22.37 -11.69 -18.44
CA GLN C 68 -22.31 -10.87 -19.65
C GLN C 68 -23.71 -10.74 -20.30
N ASN C 69 -24.73 -11.41 -19.75
CA ASN C 69 -26.06 -11.40 -20.32
C ASN C 69 -26.92 -10.40 -19.57
N GLU C 70 -27.26 -9.27 -20.23
CA GLU C 70 -28.08 -8.22 -19.61
C GLU C 70 -29.45 -8.72 -19.18
N GLU C 71 -30.05 -9.63 -19.95
CA GLU C 71 -31.36 -10.17 -19.60
C GLU C 71 -31.29 -10.98 -18.33
N HIS C 72 -30.23 -11.79 -18.15
CA HIS C 72 -30.09 -12.58 -16.92
C HIS C 72 -29.96 -11.64 -15.72
N LEU C 73 -29.21 -10.56 -15.88
CA LEU C 73 -28.99 -9.60 -14.78
C LEU C 73 -30.26 -8.85 -14.47
N ALA C 74 -31.03 -8.49 -15.50
CA ALA C 74 -32.26 -7.74 -15.29
C ALA C 74 -33.33 -8.60 -14.61
N SER C 75 -33.31 -9.93 -14.81
CA SER C 75 -34.33 -10.80 -14.19
C SER C 75 -33.86 -11.42 -12.86
N LEU C 76 -32.57 -11.28 -12.53
CA LEU C 76 -32.00 -11.99 -11.39
C LEU C 76 -32.70 -11.73 -10.07
N ALA C 77 -32.95 -10.46 -9.69
CA ALA C 77 -33.61 -10.21 -8.40
C ALA C 77 -35.00 -10.88 -8.30
N GLY C 78 -35.79 -10.81 -9.38
CA GLY C 78 -37.09 -11.46 -9.39
C GLY C 78 -36.98 -12.98 -9.25
N ARG C 79 -35.98 -13.59 -9.92
CA ARG C 79 -35.78 -15.03 -9.85
C ARG C 79 -35.30 -15.46 -8.45
N VAL C 80 -34.46 -14.63 -7.81
CA VAL C 80 -34.00 -14.92 -6.45
C VAL C 80 -35.19 -14.81 -5.50
N THR C 81 -36.02 -13.74 -5.64
CA THR C 81 -37.20 -13.55 -4.77
C THR C 81 -38.14 -14.75 -4.88
N GLU C 82 -38.31 -15.28 -6.10
CA GLU C 82 -39.15 -16.45 -6.29
C GLU C 82 -38.54 -17.66 -5.54
N ALA C 83 -37.20 -17.81 -5.57
CA ALA C 83 -36.54 -18.93 -4.91
C ALA C 83 -36.59 -18.85 -3.38
N ILE C 84 -36.45 -17.66 -2.81
CA ILE C 84 -36.46 -17.48 -1.35
C ILE C 84 -37.83 -17.12 -0.76
N GLY C 85 -38.81 -16.83 -1.61
CA GLY C 85 -40.16 -16.49 -1.20
C GLY C 85 -40.35 -15.00 -1.08
N ALA C 86 -41.45 -14.47 -1.63
CA ALA C 86 -41.77 -13.03 -1.57
C ALA C 86 -41.79 -12.57 -0.10
N GLY C 87 -41.27 -11.38 0.15
CA GLY C 87 -41.20 -10.87 1.51
C GLY C 87 -39.84 -11.07 2.13
N ASN C 88 -39.11 -12.11 1.70
CA ASN C 88 -37.77 -12.36 2.25
C ASN C 88 -36.71 -11.65 1.40
N LYS C 89 -35.59 -11.33 2.03
CA LYS C 89 -34.47 -10.72 1.34
C LYS C 89 -33.19 -11.51 1.60
N LEU C 90 -32.15 -11.21 0.83
CA LEU C 90 -30.84 -11.83 1.03
C LEU C 90 -30.06 -11.12 2.11
N ASP C 91 -29.26 -11.87 2.85
CA ASP C 91 -28.31 -11.31 3.79
C ASP C 91 -26.89 -11.32 3.22
N GLY C 92 -26.62 -12.16 2.22
CA GLY C 92 -25.28 -12.26 1.67
C GLY C 92 -25.27 -12.60 0.20
N VAL C 93 -24.20 -12.15 -0.46
CA VAL C 93 -23.96 -12.41 -1.87
C VAL C 93 -22.50 -12.76 -2.00
N VAL C 94 -22.19 -13.83 -2.68
CA VAL C 94 -20.80 -14.20 -2.96
C VAL C 94 -20.58 -14.21 -4.47
N HIS C 95 -19.61 -13.43 -4.93
CA HIS C 95 -19.14 -13.36 -6.31
C HIS C 95 -17.87 -14.19 -6.35
N SER C 96 -17.91 -15.35 -7.02
CA SER C 96 -16.71 -16.21 -7.11
C SER C 96 -16.58 -16.61 -8.58
N ILE C 97 -16.44 -15.57 -9.41
CA ILE C 97 -16.47 -15.69 -10.85
C ILE C 97 -15.25 -15.05 -11.46
N GLY C 98 -14.71 -15.70 -12.50
CA GLY C 98 -13.59 -15.09 -13.21
C GLY C 98 -13.39 -15.78 -14.54
N PHE C 99 -12.80 -15.07 -15.48
CA PHE C 99 -12.43 -15.64 -16.76
C PHE C 99 -11.43 -14.73 -17.42
N MET C 100 -10.48 -15.31 -18.13
CA MET C 100 -9.61 -14.54 -19.01
C MET C 100 -9.28 -15.42 -20.18
N PRO C 101 -9.41 -14.95 -21.45
CA PRO C 101 -9.01 -15.78 -22.59
C PRO C 101 -7.54 -16.16 -22.50
N GLN C 102 -7.18 -17.29 -23.16
CA GLN C 102 -5.81 -17.79 -23.13
C GLN C 102 -4.77 -16.78 -23.52
N THR C 103 -5.07 -15.90 -24.52
CA THR C 103 -4.09 -14.90 -24.95
C THR C 103 -3.67 -13.97 -23.81
N GLY C 104 -4.54 -13.78 -22.83
CA GLY C 104 -4.20 -12.88 -21.71
C GLY C 104 -3.49 -13.59 -20.58
N MET C 105 -3.03 -14.85 -20.76
CA MET C 105 -2.47 -15.62 -19.65
C MET C 105 -1.21 -16.40 -20.00
N GLY C 106 -0.53 -16.90 -18.95
CA GLY C 106 0.57 -17.84 -19.05
C GLY C 106 1.79 -17.38 -19.82
N ILE C 107 2.32 -18.25 -20.70
CA ILE C 107 3.51 -17.86 -21.47
C ILE C 107 3.16 -17.07 -22.73
N ASN C 108 1.86 -16.85 -23.02
CA ASN C 108 1.46 -16.08 -24.20
C ASN C 108 1.89 -14.64 -23.97
N PRO C 109 2.55 -14.03 -24.96
CA PRO C 109 3.12 -12.70 -24.73
C PRO C 109 2.11 -11.68 -24.24
N PHE C 110 2.45 -10.95 -23.15
CA PHE C 110 1.57 -9.93 -22.58
C PHE C 110 1.04 -8.94 -23.67
N PHE C 111 1.93 -8.49 -24.57
CA PHE C 111 1.55 -7.54 -25.62
C PHE C 111 0.68 -8.13 -26.75
N ASP C 112 0.59 -9.46 -26.85
CA ASP C 112 -0.18 -10.06 -27.94
C ASP C 112 -1.64 -10.34 -27.60
N ALA C 113 -2.09 -10.00 -26.39
CA ALA C 113 -3.49 -10.17 -26.03
C ALA C 113 -4.28 -9.05 -26.68
N PRO C 114 -5.21 -9.36 -27.61
CA PRO C 114 -5.99 -8.28 -28.22
C PRO C 114 -6.97 -7.69 -27.22
N TYR C 115 -7.34 -6.42 -27.40
CA TYR C 115 -8.25 -5.78 -26.47
C TYR C 115 -9.59 -6.51 -26.33
N ALA C 116 -10.13 -7.11 -27.42
CA ALA C 116 -11.42 -7.83 -27.29
C ALA C 116 -11.31 -8.95 -26.24
N ASP C 117 -10.12 -9.60 -26.15
CA ASP C 117 -9.92 -10.66 -25.18
C ASP C 117 -9.80 -10.10 -23.79
N VAL C 118 -8.96 -9.06 -23.61
CA VAL C 118 -8.82 -8.44 -22.28
C VAL C 118 -10.16 -7.89 -21.77
N SER C 119 -10.91 -7.24 -22.66
CA SER C 119 -12.21 -6.64 -22.33
C SER C 119 -13.19 -7.71 -21.84
N LYS C 120 -13.17 -8.90 -22.46
N LYS C 120 -13.17 -8.90 -22.46
CA LYS C 120 -14.06 -9.99 -22.04
CA LYS C 120 -14.07 -9.98 -22.02
C LYS C 120 -13.68 -10.44 -20.62
C LYS C 120 -13.68 -10.42 -20.61
N GLY C 121 -12.38 -10.57 -20.37
CA GLY C 121 -11.90 -10.95 -19.05
C GLY C 121 -12.23 -9.91 -17.99
N ILE C 122 -12.08 -8.62 -18.30
CA ILE C 122 -12.39 -7.56 -17.33
C ILE C 122 -13.89 -7.49 -17.07
N HIS C 123 -14.71 -7.74 -18.11
CA HIS C 123 -16.16 -7.72 -17.98
C HIS C 123 -16.58 -8.80 -16.97
N ILE C 124 -16.12 -10.03 -17.19
CA ILE C 124 -16.51 -11.15 -16.34
C ILE C 124 -15.90 -11.08 -14.96
N SER C 125 -14.64 -10.68 -14.86
CA SER C 125 -13.89 -10.77 -13.62
C SER C 125 -13.97 -9.54 -12.71
N ALA C 126 -14.29 -8.35 -13.29
CA ALA C 126 -14.31 -7.14 -12.50
C ALA C 126 -15.62 -6.36 -12.60
N TYR C 127 -16.05 -6.01 -13.85
CA TYR C 127 -17.28 -5.21 -13.97
C TYR C 127 -18.48 -5.96 -13.38
N SER C 128 -18.52 -7.29 -13.54
CA SER C 128 -19.64 -8.08 -13.04
C SER C 128 -19.83 -8.02 -11.53
N TYR C 129 -18.79 -7.62 -10.77
CA TYR C 129 -18.97 -7.43 -9.32
C TYR C 129 -19.92 -6.24 -9.09
N ALA C 130 -19.78 -5.18 -9.90
CA ALA C 130 -20.70 -4.05 -9.83
C ALA C 130 -22.09 -4.46 -10.37
N SER C 131 -22.13 -5.28 -11.45
N SER C 131 -22.18 -5.11 -11.56
CA SER C 131 -23.42 -5.75 -12.02
CA SER C 131 -23.53 -5.44 -12.09
C SER C 131 -24.24 -6.53 -10.99
C SER C 131 -24.28 -6.46 -11.20
N MET C 132 -23.63 -7.51 -10.33
N MET C 132 -23.55 -7.27 -10.43
CA MET C 132 -24.32 -8.30 -9.33
CA MET C 132 -24.18 -8.21 -9.49
C MET C 132 -24.75 -7.48 -8.13
C MET C 132 -24.75 -7.38 -8.31
N ALA C 133 -23.93 -6.47 -7.74
CA ALA C 133 -24.33 -5.62 -6.62
C ALA C 133 -25.53 -4.74 -7.04
N LYS C 134 -25.51 -4.23 -8.28
CA LYS C 134 -26.61 -3.41 -8.79
C LYS C 134 -27.93 -4.23 -8.77
N ALA C 135 -27.86 -5.46 -9.25
CA ALA C 135 -29.04 -6.30 -9.35
C ALA C 135 -29.57 -6.76 -7.96
N LEU C 136 -28.65 -7.01 -7.01
CA LEU C 136 -29.03 -7.64 -5.76
C LEU C 136 -29.16 -6.69 -4.55
N LEU C 137 -28.46 -5.53 -4.50
CA LEU C 137 -28.65 -4.59 -3.38
C LEU C 137 -30.12 -4.27 -3.06
N PRO C 138 -30.98 -4.08 -4.08
CA PRO C 138 -32.41 -3.81 -3.78
C PRO C 138 -33.13 -4.92 -3.01
N ILE C 139 -32.59 -6.14 -3.02
CA ILE C 139 -33.17 -7.25 -2.27
C ILE C 139 -32.24 -7.77 -1.18
N MET C 140 -31.43 -6.87 -0.59
CA MET C 140 -30.57 -7.21 0.53
C MET C 140 -30.98 -6.51 1.82
N ASN C 141 -30.89 -7.22 2.94
CA ASN C 141 -31.24 -6.66 4.24
C ASN C 141 -30.09 -5.81 4.78
N PRO C 142 -30.44 -4.80 5.63
CA PRO C 142 -29.37 -4.07 6.33
C PRO C 142 -28.55 -5.04 7.19
N GLY C 143 -27.27 -4.78 7.28
CA GLY C 143 -26.32 -5.66 7.95
C GLY C 143 -25.78 -6.74 7.03
N GLY C 144 -26.25 -6.79 5.79
CA GLY C 144 -25.83 -7.77 4.80
C GLY C 144 -24.41 -7.61 4.32
N SER C 145 -23.98 -8.54 3.47
CA SER C 145 -22.59 -8.60 3.08
C SER C 145 -22.38 -9.15 1.67
N ILE C 146 -21.62 -8.42 0.84
CA ILE C 146 -21.26 -8.87 -0.50
C ILE C 146 -19.76 -9.19 -0.43
N VAL C 147 -19.38 -10.38 -0.89
CA VAL C 147 -17.98 -10.80 -0.84
C VAL C 147 -17.55 -11.24 -2.24
N GLY C 148 -16.40 -10.78 -2.71
CA GLY C 148 -15.83 -11.20 -3.99
C GLY C 148 -14.48 -11.87 -3.80
N MET C 149 -14.04 -12.68 -4.76
CA MET C 149 -12.74 -13.37 -4.65
C MET C 149 -11.66 -12.64 -5.43
N ASP C 150 -10.51 -12.42 -4.80
CA ASP C 150 -9.39 -11.68 -5.37
C ASP C 150 -8.09 -12.54 -5.31
N PHE C 151 -7.08 -12.17 -6.09
CA PHE C 151 -5.75 -12.82 -6.04
C PHE C 151 -4.85 -11.59 -6.07
N ASP C 152 -4.14 -11.32 -4.96
CA ASP C 152 -3.38 -10.07 -4.75
C ASP C 152 -2.62 -9.61 -6.02
N PRO C 153 -3.05 -8.50 -6.61
CA PRO C 153 -2.41 -8.03 -7.84
C PRO C 153 -1.54 -6.79 -7.64
N SER C 154 -1.16 -6.48 -6.38
CA SER C 154 -0.34 -5.31 -6.03
CA SER C 154 -0.38 -5.27 -6.11
C SER C 154 1.01 -5.26 -6.73
N ARG C 155 1.54 -6.44 -7.06
N ARG C 155 1.53 -6.43 -7.06
CA ARG C 155 2.83 -6.54 -7.74
CA ARG C 155 2.80 -6.57 -7.75
C ARG C 155 2.68 -7.49 -8.92
C ARG C 155 2.56 -7.40 -9.01
N ALA C 156 3.39 -7.20 -10.03
CA ALA C 156 3.30 -8.03 -11.22
C ALA C 156 3.96 -9.38 -10.90
N MET C 157 3.65 -10.40 -11.70
CA MET C 157 4.14 -11.73 -11.45
C MET C 157 4.05 -12.54 -12.74
N PRO C 158 4.74 -13.67 -12.82
CA PRO C 158 4.63 -14.49 -14.03
C PRO C 158 3.24 -15.06 -14.19
N ALA C 159 2.85 -15.32 -15.44
CA ALA C 159 1.66 -16.07 -15.87
C ALA C 159 0.32 -15.43 -15.58
N TYR C 160 0.14 -14.74 -14.44
CA TYR C 160 -1.19 -14.17 -14.13
C TYR C 160 -1.56 -13.05 -15.12
N ASN C 161 -0.54 -12.39 -15.70
CA ASN C 161 -0.66 -11.46 -16.81
C ASN C 161 -1.90 -10.55 -16.75
N TRP C 162 -2.82 -10.64 -17.74
CA TRP C 162 -3.97 -9.74 -17.78
C TRP C 162 -5.00 -10.01 -16.70
N MET C 163 -5.02 -11.25 -16.12
CA MET C 163 -5.93 -11.47 -14.98
C MET C 163 -5.47 -10.58 -13.78
N THR C 164 -4.16 -10.28 -13.68
CA THR C 164 -3.68 -9.38 -12.62
C THR C 164 -4.31 -7.99 -12.81
N VAL C 165 -4.38 -7.53 -14.08
CA VAL C 165 -5.01 -6.24 -14.40
C VAL C 165 -6.49 -6.29 -14.05
N ALA C 166 -7.16 -7.40 -14.39
CA ALA C 166 -8.58 -7.52 -14.04
C ALA C 166 -8.79 -7.48 -12.51
N LYS C 167 -7.91 -8.14 -11.72
CA LYS C 167 -8.03 -8.11 -10.26
C LYS C 167 -7.74 -6.70 -9.71
N SER C 168 -6.77 -5.99 -10.29
CA SER C 168 -6.53 -4.57 -9.87
C SER C 168 -7.80 -3.74 -10.12
N ALA C 169 -8.46 -3.97 -11.27
CA ALA C 169 -9.72 -3.28 -11.56
C ALA C 169 -10.80 -3.69 -10.53
N LEU C 170 -10.93 -4.99 -10.23
CA LEU C 170 -11.90 -5.52 -9.25
C LEU C 170 -11.70 -4.87 -7.88
N GLU C 171 -10.46 -4.70 -7.44
CA GLU C 171 -10.20 -4.03 -6.16
C GLU C 171 -10.75 -2.61 -6.14
N SER C 172 -10.59 -1.88 -7.26
CA SER C 172 -11.07 -0.51 -7.37
C SER C 172 -12.61 -0.52 -7.45
N VAL C 173 -13.20 -1.45 -8.23
CA VAL C 173 -14.66 -1.57 -8.29
C VAL C 173 -15.24 -1.83 -6.89
N ASN C 174 -14.60 -2.71 -6.11
CA ASN C 174 -15.07 -3.03 -4.75
C ASN C 174 -15.18 -1.78 -3.88
N ARG C 175 -14.20 -0.86 -3.98
CA ARG C 175 -14.28 0.37 -3.17
C ARG C 175 -15.47 1.23 -3.56
N PHE C 176 -15.85 1.23 -4.85
CA PHE C 176 -17.01 1.97 -5.30
C PHE C 176 -18.31 1.26 -4.97
N VAL C 177 -18.30 -0.07 -5.06
CA VAL C 177 -19.51 -0.84 -4.66
C VAL C 177 -19.78 -0.62 -3.16
N ALA C 178 -18.72 -0.50 -2.33
CA ALA C 178 -18.92 -0.22 -0.90
C ALA C 178 -19.68 1.10 -0.68
N ARG C 179 -19.41 2.12 -1.52
CA ARG C 179 -20.10 3.41 -1.43
C ARG C 179 -21.58 3.20 -1.71
N GLU C 180 -21.91 2.41 -2.73
CA GLU C 180 -23.32 2.17 -3.03
C GLU C 180 -23.97 1.30 -1.96
N ALA C 181 -23.28 0.23 -1.57
CA ALA C 181 -23.82 -0.74 -0.61
C ALA C 181 -24.07 -0.11 0.76
N GLY C 182 -23.24 0.88 1.13
CA GLY C 182 -23.40 1.59 2.39
C GLY C 182 -24.77 2.24 2.54
N LYS C 183 -25.34 2.68 1.41
CA LYS C 183 -26.70 3.29 1.38
C LYS C 183 -27.78 2.31 1.89
N TYR C 184 -27.51 1.01 1.75
CA TYR C 184 -28.41 -0.08 2.17
C TYR C 184 -27.98 -0.70 3.51
N GLY C 185 -26.91 -0.20 4.13
CA GLY C 185 -26.39 -0.79 5.36
C GLY C 185 -25.68 -2.11 5.06
N VAL C 186 -25.18 -2.27 3.82
CA VAL C 186 -24.55 -3.52 3.37
C VAL C 186 -23.06 -3.30 3.18
N ARG C 187 -22.26 -4.29 3.56
CA ARG C 187 -20.81 -4.22 3.41
C ARG C 187 -20.39 -4.86 2.06
N SER C 188 -19.22 -4.47 1.55
CA SER C 188 -18.69 -5.08 0.33
C SER C 188 -17.22 -5.26 0.55
N ASN C 189 -16.74 -6.49 0.43
CA ASN C 189 -15.29 -6.75 0.64
C ASN C 189 -14.82 -7.86 -0.29
N LEU C 190 -13.49 -7.95 -0.47
CA LEU C 190 -12.94 -9.05 -1.25
C LEU C 190 -12.09 -9.92 -0.32
N VAL C 191 -12.00 -11.20 -0.65
CA VAL C 191 -11.09 -12.11 0.03
C VAL C 191 -9.99 -12.43 -0.99
N ALA C 192 -8.75 -12.06 -0.67
CA ALA C 192 -7.59 -12.36 -1.52
C ALA C 192 -7.04 -13.68 -1.04
N ALA C 193 -7.33 -14.75 -1.79
CA ALA C 193 -6.93 -16.07 -1.40
C ALA C 193 -5.56 -16.44 -1.96
N GLY C 194 -4.88 -17.35 -1.26
CA GLY C 194 -3.69 -17.98 -1.81
C GLY C 194 -4.12 -18.95 -2.91
N PRO C 195 -3.17 -19.62 -3.55
CA PRO C 195 -3.49 -20.52 -4.65
C PRO C 195 -4.20 -21.78 -4.19
N ILE C 196 -5.27 -22.16 -4.90
CA ILE C 196 -6.08 -23.35 -4.61
C ILE C 196 -6.30 -24.12 -5.91
N ARG C 197 -6.12 -25.44 -5.88
CA ARG C 197 -6.30 -26.24 -7.09
C ARG C 197 -7.77 -26.27 -7.49
N THR C 198 -8.11 -25.53 -8.53
CA THR C 198 -9.47 -25.48 -9.05
C THR C 198 -9.44 -25.70 -10.58
N LEU C 199 -10.62 -25.84 -11.20
CA LEU C 199 -10.72 -25.97 -12.64
C LEU C 199 -10.03 -24.78 -13.35
N ALA C 200 -10.26 -23.51 -12.89
CA ALA C 200 -9.61 -22.37 -13.55
C ALA C 200 -8.08 -22.46 -13.45
N MET C 201 -7.54 -22.93 -12.31
CA MET C 201 -6.09 -23.08 -12.18
CA MET C 201 -6.08 -23.07 -12.20
C MET C 201 -5.56 -24.05 -13.24
N SER C 202 -6.23 -25.21 -13.41
N SER C 202 -6.26 -25.19 -13.41
CA SER C 202 -5.77 -26.22 -14.36
CA SER C 202 -5.85 -26.23 -14.34
C SER C 202 -6.04 -25.86 -15.82
C SER C 202 -6.06 -25.86 -15.80
N ALA C 203 -7.28 -25.49 -16.15
CA ALA C 203 -7.66 -25.23 -17.52
C ALA C 203 -7.30 -23.88 -18.07
N ILE C 204 -7.36 -22.83 -17.27
CA ILE C 204 -7.07 -21.48 -17.75
C ILE C 204 -5.62 -21.09 -17.49
N VAL C 205 -5.19 -21.04 -16.22
CA VAL C 205 -3.83 -20.66 -15.91
C VAL C 205 -2.82 -21.70 -16.46
N GLY C 206 -3.00 -22.96 -16.08
CA GLY C 206 -2.16 -24.08 -16.49
C GLY C 206 -2.20 -24.29 -17.98
N GLY C 207 -3.39 -24.15 -18.56
CA GLY C 207 -3.60 -24.30 -19.99
C GLY C 207 -2.73 -23.34 -20.79
N ALA C 208 -2.53 -22.12 -20.27
CA ALA C 208 -1.72 -21.12 -20.97
C ALA C 208 -0.22 -21.24 -20.71
N LEU C 209 0.18 -22.13 -19.78
CA LEU C 209 1.60 -22.33 -19.48
C LEU C 209 2.27 -23.42 -20.29
N GLY C 210 1.54 -24.08 -21.21
CA GLY C 210 2.10 -25.10 -22.07
C GLY C 210 2.73 -26.24 -21.29
N GLU C 211 3.95 -26.58 -21.66
CA GLU C 211 4.67 -27.66 -21.00
C GLU C 211 5.16 -27.32 -19.60
N GLU C 212 5.12 -26.04 -19.19
CA GLU C 212 5.62 -25.67 -17.87
C GLU C 212 4.57 -25.62 -16.78
N ALA C 213 3.31 -26.02 -17.06
CA ALA C 213 2.26 -25.86 -16.05
C ALA C 213 2.57 -26.56 -14.70
N GLY C 214 3.03 -27.80 -14.77
CA GLY C 214 3.34 -28.56 -13.57
C GLY C 214 4.46 -27.94 -12.76
N ALA C 215 5.59 -27.63 -13.43
CA ALA C 215 6.73 -27.01 -12.75
C ALA C 215 6.33 -25.68 -12.11
N GLN C 216 5.58 -24.85 -12.86
CA GLN C 216 5.25 -23.52 -12.36
C GLN C 216 4.34 -23.58 -11.17
N ILE C 217 3.32 -24.43 -11.19
CA ILE C 217 2.41 -24.51 -10.04
C ILE C 217 3.11 -25.11 -8.82
N GLN C 218 3.98 -26.10 -9.03
CA GLN C 218 4.69 -26.68 -7.90
C GLN C 218 5.63 -25.65 -7.24
N LEU C 219 6.32 -24.86 -8.06
CA LEU C 219 7.22 -23.83 -7.52
C LEU C 219 6.39 -22.72 -6.85
N LEU C 220 5.23 -22.39 -7.42
CA LEU C 220 4.37 -21.34 -6.82
C LEU C 220 3.94 -21.78 -5.41
N GLU C 221 3.45 -23.03 -5.31
CA GLU C 221 2.96 -23.61 -4.07
C GLU C 221 4.07 -23.71 -3.02
N GLU C 222 5.25 -24.22 -3.43
CA GLU C 222 6.36 -24.37 -2.50
C GLU C 222 6.75 -23.02 -1.91
N GLY C 223 6.89 -22.02 -2.77
CA GLY C 223 7.27 -20.69 -2.32
C GLY C 223 6.20 -20.09 -1.43
N TRP C 224 4.93 -20.36 -1.76
CA TRP C 224 3.80 -19.78 -0.99
C TRP C 224 3.79 -20.37 0.43
N ASP C 225 3.92 -21.68 0.54
CA ASP C 225 3.91 -22.36 1.83
C ASP C 225 5.16 -21.91 2.64
N GLN C 226 6.31 -21.74 1.97
CA GLN C 226 7.52 -21.30 2.66
C GLN C 226 7.33 -19.92 3.26
N ARG C 227 6.85 -18.98 2.46
CA ARG C 227 6.66 -17.58 2.82
C ARG C 227 5.56 -17.38 3.90
N ALA C 228 4.50 -18.15 3.81
CA ALA C 228 3.36 -18.06 4.72
C ALA C 228 3.84 -18.53 6.10
N PRO C 229 3.77 -17.66 7.13
CA PRO C 229 4.24 -18.09 8.46
C PRO C 229 3.47 -19.29 9.02
N ILE C 230 2.19 -19.43 8.68
CA ILE C 230 1.40 -20.58 9.13
C ILE C 230 1.25 -21.67 8.06
N GLY C 231 2.00 -21.54 6.97
CA GLY C 231 1.96 -22.50 5.89
C GLY C 231 0.79 -22.29 4.96
N TRP C 232 0.77 -23.09 3.89
CA TRP C 232 -0.29 -23.00 2.89
C TRP C 232 -0.44 -24.31 2.19
N ASN C 233 -1.68 -24.81 2.13
CA ASN C 233 -2.02 -26.05 1.46
C ASN C 233 -2.96 -25.75 0.30
N MET C 234 -2.44 -25.76 -0.94
N MET C 234 -2.44 -25.76 -0.94
CA MET C 234 -3.25 -25.47 -2.13
CA MET C 234 -3.24 -25.50 -2.15
C MET C 234 -4.34 -26.50 -2.43
C MET C 234 -4.41 -26.45 -2.33
N LYS C 235 -4.30 -27.66 -1.76
CA LYS C 235 -5.34 -28.67 -1.94
C LYS C 235 -6.53 -28.52 -0.95
N ASP C 236 -6.48 -27.50 -0.08
CA ASP C 236 -7.49 -27.31 0.94
C ASP C 236 -8.16 -25.93 0.83
N ALA C 237 -9.35 -25.85 0.25
CA ALA C 237 -10.07 -24.57 0.12
C ALA C 237 -10.80 -24.18 1.43
N THR C 238 -10.90 -25.08 2.43
CA THR C 238 -11.66 -24.78 3.65
C THR C 238 -11.22 -23.50 4.39
N PRO C 239 -9.92 -23.21 4.57
CA PRO C 239 -9.55 -21.95 5.25
C PRO C 239 -10.08 -20.72 4.52
N VAL C 240 -10.12 -20.77 3.16
CA VAL C 240 -10.62 -19.66 2.35
C VAL C 240 -12.14 -19.55 2.51
N ALA C 241 -12.83 -20.70 2.40
CA ALA C 241 -14.29 -20.74 2.58
C ALA C 241 -14.70 -20.22 3.98
N LYS C 242 -13.94 -20.57 5.03
CA LYS C 242 -14.23 -20.07 6.40
C LYS C 242 -14.08 -18.56 6.47
N THR C 243 -13.04 -18.01 5.80
CA THR C 243 -12.82 -16.56 5.80
C THR C 243 -13.99 -15.81 5.13
N VAL C 244 -14.48 -16.33 4.01
CA VAL C 244 -15.64 -15.74 3.33
C VAL C 244 -16.85 -15.79 4.27
N CYS C 245 -17.07 -16.94 4.94
CA CYS C 245 -18.17 -17.03 5.90
C CYS C 245 -18.00 -16.05 7.06
N ALA C 246 -16.76 -15.77 7.51
CA ALA C 246 -16.57 -14.74 8.55
C ALA C 246 -17.07 -13.37 8.06
N LEU C 247 -16.79 -13.04 6.80
CA LEU C 247 -17.26 -11.76 6.24
C LEU C 247 -18.76 -11.76 6.02
N LEU C 248 -19.37 -12.91 5.72
CA LEU C 248 -20.83 -13.00 5.57
C LEU C 248 -21.55 -12.93 6.94
N SER C 249 -20.84 -13.25 8.03
CA SER C 249 -21.40 -13.27 9.39
C SER C 249 -21.54 -11.84 9.94
N ASP C 250 -22.05 -11.74 11.17
CA ASP C 250 -22.15 -10.46 11.86
C ASP C 250 -20.84 -10.10 12.60
N TRP C 251 -19.76 -10.88 12.45
CA TRP C 251 -18.54 -10.71 13.25
C TRP C 251 -17.50 -9.77 12.64
N LEU C 252 -17.74 -9.23 11.46
CA LEU C 252 -16.82 -8.19 10.90
C LEU C 252 -17.72 -7.03 10.45
N PRO C 253 -18.45 -6.41 11.40
CA PRO C 253 -19.50 -5.47 11.02
C PRO C 253 -19.02 -4.08 10.63
N ALA C 254 -17.74 -3.80 10.87
CA ALA C 254 -17.19 -2.46 10.61
C ALA C 254 -16.18 -2.47 9.46
N THR C 255 -16.16 -3.54 8.65
CA THR C 255 -15.20 -3.64 7.57
C THR C 255 -15.93 -3.56 6.24
N THR C 256 -15.56 -2.56 5.40
CA THR C 256 -16.17 -2.43 4.07
C THR C 256 -15.22 -1.72 3.11
N GLY C 257 -15.41 -1.99 1.83
CA GLY C 257 -14.56 -1.52 0.75
C GLY C 257 -13.16 -2.08 0.88
N ASP C 258 -13.02 -3.22 1.57
CA ASP C 258 -11.72 -3.71 1.97
C ASP C 258 -11.36 -5.06 1.39
N ILE C 259 -10.12 -5.50 1.71
CA ILE C 259 -9.58 -6.77 1.27
C ILE C 259 -9.05 -7.53 2.46
N ILE C 260 -9.54 -8.76 2.65
N ILE C 260 -9.59 -8.74 2.67
CA ILE C 260 -9.06 -9.60 3.75
CA ILE C 260 -9.15 -9.65 3.74
C ILE C 260 -8.27 -10.72 3.09
C ILE C 260 -8.27 -10.70 3.06
N TYR C 261 -7.05 -10.92 3.55
CA TYR C 261 -6.15 -11.90 2.94
C TYR C 261 -6.20 -13.26 3.60
N ALA C 262 -6.69 -14.29 2.89
CA ALA C 262 -6.73 -15.68 3.35
C ALA C 262 -5.66 -16.39 2.53
N ASP C 263 -4.42 -16.10 2.84
CA ASP C 263 -3.29 -16.57 2.06
C ASP C 263 -2.12 -17.11 2.90
N GLY C 264 -2.40 -17.45 4.17
CA GLY C 264 -1.36 -17.94 5.07
C GLY C 264 -0.42 -16.85 5.57
N GLY C 265 -0.74 -15.58 5.29
CA GLY C 265 0.13 -14.44 5.59
C GLY C 265 1.26 -14.24 4.57
N ALA C 266 1.22 -14.98 3.43
CA ALA C 266 2.28 -14.85 2.42
C ALA C 266 2.50 -13.44 1.90
N HIS C 267 1.42 -12.66 1.70
CA HIS C 267 1.60 -11.32 1.12
C HIS C 267 2.36 -10.35 2.00
N THR C 268 2.51 -10.65 3.31
CA THR C 268 3.18 -9.73 4.25
C THR C 268 4.65 -10.08 4.46
N GLN C 269 5.15 -11.11 3.74
CA GLN C 269 6.48 -11.63 3.95
C GLN C 269 7.27 -11.78 2.68
N LEU C 270 8.60 -11.87 2.87
CA LEU C 270 9.57 -12.20 1.83
C LEU C 270 10.48 -13.33 2.32
N LEU C 271 10.87 -14.20 1.38
CA LEU C 271 11.81 -15.30 1.61
C LEU C 271 12.98 -15.09 0.66
N GLY D 5 21.34 21.07 -21.07
CA GLY D 5 19.98 20.59 -21.02
C GLY D 5 19.81 19.19 -20.43
N LEU D 6 18.80 19.02 -19.57
CA LEU D 6 18.51 17.75 -18.89
C LEU D 6 18.32 16.60 -19.90
N LEU D 7 17.73 16.90 -21.07
CA LEU D 7 17.42 15.88 -22.08
C LEU D 7 18.15 16.11 -23.40
N ASP D 8 19.35 16.72 -23.34
CA ASP D 8 20.14 17.00 -24.55
C ASP D 8 20.39 15.75 -25.37
N GLY D 9 20.10 15.81 -26.66
CA GLY D 9 20.29 14.70 -27.60
C GLY D 9 19.21 13.64 -27.61
N LYS D 10 18.32 13.66 -26.61
CA LYS D 10 17.27 12.64 -26.52
C LYS D 10 16.14 12.85 -27.50
N ARG D 11 15.67 11.76 -28.10
CA ARG D 11 14.55 11.78 -29.04
C ARG D 11 13.34 11.22 -28.30
N ILE D 12 12.29 12.03 -28.13
CA ILE D 12 11.16 11.61 -27.30
C ILE D 12 9.85 11.77 -28.00
N LEU D 13 9.02 10.73 -27.95
CA LEU D 13 7.68 10.83 -28.51
C LEU D 13 6.72 11.29 -27.39
N VAL D 14 5.89 12.31 -27.68
CA VAL D 14 4.94 12.82 -26.69
C VAL D 14 3.52 12.73 -27.28
N SER D 15 2.66 11.92 -26.67
CA SER D 15 1.26 11.83 -27.10
C SER D 15 0.39 12.71 -26.17
N GLY D 16 -0.86 13.00 -26.57
CA GLY D 16 -1.80 13.64 -25.65
C GLY D 16 -1.99 15.13 -25.66
N ILE D 17 -1.36 15.83 -26.62
CA ILE D 17 -1.62 17.26 -26.74
C ILE D 17 -2.97 17.44 -27.46
N ILE D 18 -3.87 18.26 -26.88
CA ILE D 18 -5.10 18.65 -27.56
C ILE D 18 -5.21 20.21 -27.50
N THR D 19 -4.85 20.80 -26.35
CA THR D 19 -4.82 22.26 -26.19
C THR D 19 -3.48 22.69 -25.54
N ASP D 20 -3.23 24.01 -25.44
CA ASP D 20 -2.07 24.54 -24.74
C ASP D 20 -2.18 24.40 -23.20
N SER D 21 -3.31 23.86 -22.68
CA SER D 21 -3.42 23.56 -21.26
C SER D 21 -3.14 22.07 -20.99
N SER D 22 -3.08 21.21 -22.05
CA SER D 22 -2.84 19.80 -21.87
C SER D 22 -1.58 19.55 -21.08
N ILE D 23 -1.60 18.53 -20.20
CA ILE D 23 -0.38 18.16 -19.46
C ILE D 23 0.76 17.85 -20.46
N ALA D 24 0.42 17.18 -21.55
CA ALA D 24 1.40 16.85 -22.61
C ALA D 24 1.99 18.08 -23.28
N PHE D 25 1.23 19.18 -23.35
CA PHE D 25 1.75 20.40 -23.97
C PHE D 25 2.90 20.94 -23.09
N HIS D 26 2.68 20.93 -21.76
CA HIS D 26 3.69 21.41 -20.83
C HIS D 26 4.87 20.45 -20.77
N ILE D 27 4.61 19.12 -20.85
CA ILE D 27 5.71 18.14 -20.89
C ILE D 27 6.56 18.41 -22.16
N ALA D 28 5.90 18.62 -23.31
CA ALA D 28 6.61 18.87 -24.58
C ALA D 28 7.42 20.17 -24.50
N ARG D 29 6.83 21.24 -23.95
CA ARG D 29 7.53 22.51 -23.82
C ARG D 29 8.78 22.38 -22.94
N VAL D 30 8.63 21.76 -21.74
CA VAL D 30 9.78 21.62 -20.83
C VAL D 30 10.84 20.72 -21.46
N ALA D 31 10.43 19.62 -22.12
CA ALA D 31 11.40 18.72 -22.77
C ALA D 31 12.20 19.46 -23.84
N GLN D 32 11.53 20.29 -24.66
CA GLN D 32 12.23 21.09 -25.68
C GLN D 32 13.16 22.12 -25.07
N GLU D 33 12.72 22.80 -23.99
CA GLU D 33 13.59 23.76 -23.26
C GLU D 33 14.87 23.05 -22.77
N GLN D 34 14.75 21.74 -22.46
CA GLN D 34 15.85 20.93 -21.97
C GLN D 34 16.61 20.15 -23.06
N GLY D 35 16.45 20.55 -24.32
CA GLY D 35 17.22 19.99 -25.42
C GLY D 35 16.72 18.75 -26.12
N ALA D 36 15.52 18.26 -25.77
CA ALA D 36 15.00 17.06 -26.43
C ALA D 36 14.48 17.41 -27.82
N GLN D 37 14.57 16.43 -28.72
CA GLN D 37 14.05 16.46 -30.09
C GLN D 37 12.78 15.64 -30.00
N LEU D 38 11.64 16.25 -30.27
CA LEU D 38 10.37 15.55 -30.13
C LEU D 38 9.73 15.06 -31.41
N VAL D 39 8.91 14.02 -31.23
CA VAL D 39 7.96 13.54 -32.23
C VAL D 39 6.64 13.61 -31.47
N LEU D 40 5.63 14.25 -32.02
CA LEU D 40 4.35 14.38 -31.33
C LEU D 40 3.28 13.50 -31.97
N THR D 41 2.30 13.02 -31.16
CA THR D 41 1.18 12.29 -31.73
C THR D 41 -0.10 12.95 -31.27
N GLY D 42 -1.09 12.96 -32.15
CA GLY D 42 -2.36 13.60 -31.84
C GLY D 42 -3.53 12.76 -32.31
N PHE D 43 -4.67 12.95 -31.65
CA PHE D 43 -5.85 12.18 -31.97
C PHE D 43 -6.94 13.06 -32.51
N ASP D 44 -7.51 12.64 -33.63
CA ASP D 44 -8.73 13.20 -34.23
C ASP D 44 -8.61 14.64 -34.78
N ARG D 45 -8.37 15.66 -33.91
CA ARG D 45 -8.36 17.07 -34.31
C ARG D 45 -6.97 17.52 -34.76
N LEU D 46 -6.46 16.91 -35.84
CA LEU D 46 -5.09 17.19 -36.27
C LEU D 46 -4.84 18.64 -36.65
N ARG D 47 -5.83 19.32 -37.24
CA ARG D 47 -5.63 20.74 -37.60
C ARG D 47 -5.47 21.59 -36.34
N LEU D 48 -6.34 21.38 -35.34
CA LEU D 48 -6.22 22.09 -34.06
C LEU D 48 -4.89 21.76 -33.37
N ILE D 49 -4.54 20.46 -33.32
CA ILE D 49 -3.31 20.06 -32.63
C ILE D 49 -2.09 20.67 -33.29
N GLN D 50 -2.07 20.74 -34.63
CA GLN D 50 -0.94 21.36 -35.33
C GLN D 50 -0.84 22.85 -34.97
N ARG D 51 -1.97 23.53 -34.89
CA ARG D 51 -2.00 24.96 -34.55
C ARG D 51 -1.49 25.18 -33.12
N ILE D 52 -1.89 24.30 -32.21
CA ILE D 52 -1.46 24.38 -30.81
C ILE D 52 0.04 24.12 -30.71
N THR D 53 0.52 23.03 -31.33
CA THR D 53 1.93 22.67 -31.22
C THR D 53 2.86 23.65 -31.95
N ASP D 54 2.33 24.51 -32.83
CA ASP D 54 3.13 25.60 -33.42
C ASP D 54 3.55 26.60 -32.31
N ARG D 55 2.88 26.59 -31.13
CA ARG D 55 3.21 27.46 -30.00
C ARG D 55 4.38 26.91 -29.15
N LEU D 56 4.80 25.66 -29.39
CA LEU D 56 5.93 25.08 -28.68
C LEU D 56 7.22 25.80 -29.10
N PRO D 57 8.24 25.82 -28.22
CA PRO D 57 9.48 26.56 -28.57
C PRO D 57 10.21 26.08 -29.82
N ALA D 58 10.04 24.81 -30.20
CA ALA D 58 10.71 24.27 -31.39
C ALA D 58 9.77 23.42 -32.25
N LYS D 59 10.10 23.28 -33.55
CA LYS D 59 9.32 22.44 -34.45
C LYS D 59 9.41 20.96 -34.07
N ALA D 60 8.34 20.23 -34.35
CA ALA D 60 8.30 18.81 -34.09
C ALA D 60 7.27 18.21 -35.04
N PRO D 61 7.59 17.08 -35.68
CA PRO D 61 6.58 16.44 -36.55
C PRO D 61 5.40 15.92 -35.74
N LEU D 62 4.19 16.02 -36.32
CA LEU D 62 2.97 15.54 -35.69
C LEU D 62 2.45 14.33 -36.47
N LEU D 63 2.27 13.20 -35.77
CA LEU D 63 1.78 11.97 -36.38
C LEU D 63 0.39 11.68 -35.85
N GLU D 64 -0.50 11.15 -36.69
CA GLU D 64 -1.83 10.80 -36.20
C GLU D 64 -1.80 9.48 -35.40
N LEU D 65 -2.44 9.45 -34.24
CA LEU D 65 -2.53 8.22 -33.45
C LEU D 65 -3.80 8.15 -32.64
N ASP D 66 -4.73 7.30 -33.08
CA ASP D 66 -5.93 6.95 -32.35
C ASP D 66 -5.55 5.60 -31.74
N VAL D 67 -5.47 5.51 -30.40
CA VAL D 67 -5.03 4.25 -29.77
C VAL D 67 -6.03 3.10 -29.93
N GLN D 68 -7.26 3.36 -30.36
CA GLN D 68 -8.22 2.29 -30.62
C GLN D 68 -8.12 1.77 -32.07
N ASN D 69 -7.30 2.39 -32.90
CA ASN D 69 -7.14 2.05 -34.30
C ASN D 69 -5.93 1.14 -34.49
N GLU D 70 -6.17 -0.14 -34.78
CA GLU D 70 -5.10 -1.12 -34.96
C GLU D 70 -4.14 -0.74 -36.08
N GLU D 71 -4.65 -0.14 -37.15
CA GLU D 71 -3.82 0.26 -38.27
C GLU D 71 -2.84 1.33 -37.86
N HIS D 72 -3.29 2.32 -37.06
CA HIS D 72 -2.38 3.39 -36.59
C HIS D 72 -1.27 2.81 -35.73
N LEU D 73 -1.61 1.84 -34.86
CA LEU D 73 -0.62 1.22 -34.00
C LEU D 73 0.36 0.35 -34.80
N ALA D 74 -0.14 -0.41 -35.77
CA ALA D 74 0.71 -1.27 -36.61
C ALA D 74 1.73 -0.47 -37.43
N SER D 75 1.36 0.75 -37.84
CA SER D 75 2.26 1.58 -38.67
C SER D 75 3.08 2.61 -37.87
N LEU D 76 2.78 2.76 -36.57
CA LEU D 76 3.39 3.80 -35.74
C LEU D 76 4.90 3.80 -35.74
N ALA D 77 5.56 2.65 -35.44
CA ALA D 77 7.02 2.62 -35.39
C ALA D 77 7.66 3.05 -36.72
N GLY D 78 7.10 2.58 -37.84
CA GLY D 78 7.61 2.95 -39.17
C GLY D 78 7.49 4.44 -39.43
N ARG D 79 6.36 5.04 -39.03
CA ARG D 79 6.13 6.47 -39.19
C ARG D 79 7.06 7.28 -38.28
N VAL D 80 7.33 6.79 -37.06
CA VAL D 80 8.25 7.46 -36.15
C VAL D 80 9.65 7.39 -36.71
N THR D 81 10.06 6.21 -37.22
CA THR D 81 11.40 6.03 -37.80
C THR D 81 11.59 6.94 -39.00
N GLU D 82 10.52 7.15 -39.81
CA GLU D 82 10.61 8.07 -40.93
C GLU D 82 10.84 9.51 -40.43
N ALA D 83 10.21 9.89 -39.32
CA ALA D 83 10.35 11.23 -38.76
C ALA D 83 11.70 11.49 -38.10
N ILE D 84 12.30 10.47 -37.48
CA ILE D 84 13.57 10.66 -36.79
C ILE D 84 14.79 10.19 -37.57
N GLY D 85 14.59 9.45 -38.65
CA GLY D 85 15.67 8.94 -39.50
C GLY D 85 15.99 7.49 -39.23
N ALA D 86 16.23 6.70 -40.30
CA ALA D 86 16.59 5.28 -40.18
C ALA D 86 17.92 5.17 -39.41
N GLY D 87 18.04 4.16 -38.55
CA GLY D 87 19.23 4.01 -37.74
C GLY D 87 19.17 4.80 -36.42
N ASN D 88 18.14 5.66 -36.25
CA ASN D 88 17.92 6.42 -35.02
C ASN D 88 16.74 5.80 -34.29
N LYS D 89 16.82 5.78 -32.97
CA LYS D 89 15.76 5.23 -32.14
C LYS D 89 15.29 6.27 -31.10
N LEU D 90 14.15 6.00 -30.45
CA LEU D 90 13.65 6.87 -29.41
C LEU D 90 14.36 6.59 -28.10
N ASP D 91 14.53 7.61 -27.28
CA ASP D 91 15.00 7.47 -25.91
C ASP D 91 13.83 7.58 -24.90
N GLY D 92 12.72 8.20 -25.31
CA GLY D 92 11.61 8.38 -24.40
C GLY D 92 10.27 8.32 -25.06
N VAL D 93 9.25 7.89 -24.31
CA VAL D 93 7.86 7.84 -24.79
C VAL D 93 6.97 8.37 -23.68
N VAL D 94 6.06 9.31 -23.98
CA VAL D 94 5.14 9.82 -22.98
C VAL D 94 3.72 9.48 -23.40
N HIS D 95 3.01 8.75 -22.54
CA HIS D 95 1.61 8.42 -22.74
C HIS D 95 0.85 9.44 -21.87
N SER D 96 0.07 10.34 -22.49
CA SER D 96 -0.68 11.33 -21.70
C SER D 96 -2.07 11.36 -22.31
N ILE D 97 -2.71 10.17 -22.27
CA ILE D 97 -3.99 9.90 -22.93
C ILE D 97 -5.01 9.34 -21.97
N GLY D 98 -6.24 9.84 -22.06
CA GLY D 98 -7.31 9.31 -21.23
C GLY D 98 -8.66 9.65 -21.83
N PHE D 99 -9.65 8.81 -21.52
CA PHE D 99 -11.02 9.10 -21.93
C PHE D 99 -11.94 8.22 -21.12
N MET D 100 -13.12 8.77 -20.79
CA MET D 100 -14.17 7.96 -20.18
C MET D 100 -15.48 8.60 -20.61
N PRO D 101 -16.41 7.80 -21.16
CA PRO D 101 -17.73 8.37 -21.50
C PRO D 101 -18.41 8.99 -20.29
N GLN D 102 -19.27 9.97 -20.52
CA GLN D 102 -19.98 10.67 -19.46
C GLN D 102 -20.66 9.75 -18.44
N THR D 103 -21.28 8.65 -18.90
CA THR D 103 -21.96 7.73 -17.99
C THR D 103 -21.03 7.19 -16.90
N GLY D 104 -19.71 7.14 -17.17
CA GLY D 104 -18.77 6.60 -16.19
C GLY D 104 -18.21 7.63 -15.23
N MET D 105 -18.73 8.88 -15.26
CA MET D 105 -18.15 9.98 -14.45
C MET D 105 -19.20 10.84 -13.70
N GLY D 106 -18.69 11.71 -12.82
CA GLY D 106 -19.45 12.75 -12.17
C GLY D 106 -20.61 12.32 -11.31
N ILE D 107 -21.77 12.97 -11.48
CA ILE D 107 -22.94 12.61 -10.68
C ILE D 107 -23.76 11.47 -11.32
N ASN D 108 -23.34 10.95 -12.48
CA ASN D 108 -24.05 9.85 -13.11
C ASN D 108 -23.83 8.62 -12.23
N PRO D 109 -24.91 7.90 -11.85
CA PRO D 109 -24.75 6.77 -10.92
C PRO D 109 -23.72 5.75 -11.37
N PHE D 110 -22.84 5.36 -10.46
CA PHE D 110 -21.80 4.34 -10.73
C PHE D 110 -22.37 3.07 -11.41
N PHE D 111 -23.50 2.57 -10.91
CA PHE D 111 -24.08 1.34 -11.43
C PHE D 111 -24.74 1.49 -12.80
N ASP D 112 -25.00 2.72 -13.24
CA ASP D 112 -25.69 2.93 -14.51
C ASP D 112 -24.75 3.04 -15.73
N ALA D 113 -23.41 2.95 -15.52
CA ALA D 113 -22.50 3.00 -16.68
C ALA D 113 -22.51 1.64 -17.35
N PRO D 114 -22.95 1.56 -18.62
CA PRO D 114 -22.94 0.25 -19.30
C PRO D 114 -21.50 -0.20 -19.56
N TYR D 115 -21.31 -1.52 -19.66
CA TYR D 115 -19.95 -2.03 -19.90
C TYR D 115 -19.34 -1.51 -21.20
N ALA D 116 -20.12 -1.29 -22.29
CA ALA D 116 -19.52 -0.78 -23.54
C ALA D 116 -18.81 0.57 -23.29
N ASP D 117 -19.40 1.41 -22.42
CA ASP D 117 -18.83 2.71 -22.07
C ASP D 117 -17.58 2.52 -21.21
N VAL D 118 -17.67 1.69 -20.16
CA VAL D 118 -16.50 1.42 -19.31
C VAL D 118 -15.35 0.83 -20.12
N SER D 119 -15.66 -0.11 -20.98
CA SER D 119 -14.68 -0.79 -21.81
C SER D 119 -13.96 0.19 -22.72
N LYS D 120 -14.69 1.14 -23.33
N LYS D 120 -14.70 1.15 -23.31
CA LYS D 120 -14.05 2.14 -24.18
CA LYS D 120 -14.07 2.15 -24.18
C LYS D 120 -13.05 2.97 -23.35
C LYS D 120 -13.07 2.99 -23.37
N GLY D 121 -13.47 3.40 -22.16
CA GLY D 121 -12.61 4.16 -21.28
C GLY D 121 -11.38 3.39 -20.82
N ILE D 122 -11.53 2.09 -20.51
CA ILE D 122 -10.36 1.26 -20.12
C ILE D 122 -9.44 1.02 -21.30
N HIS D 123 -10.01 0.85 -22.49
CA HIS D 123 -9.19 0.67 -23.71
C HIS D 123 -8.26 1.88 -23.91
N ILE D 124 -8.86 3.09 -23.92
CA ILE D 124 -8.07 4.28 -24.20
C ILE D 124 -7.15 4.65 -23.04
N SER D 125 -7.65 4.49 -21.81
CA SER D 125 -6.91 4.98 -20.64
C SER D 125 -5.91 4.01 -20.01
N ALA D 126 -6.08 2.71 -20.21
CA ALA D 126 -5.22 1.73 -19.58
C ALA D 126 -4.57 0.74 -20.57
N TYR D 127 -5.39 0.04 -21.40
CA TYR D 127 -4.81 -0.94 -22.33
C TYR D 127 -3.84 -0.27 -23.31
N SER D 128 -4.15 0.96 -23.73
CA SER D 128 -3.31 1.68 -24.68
C SER D 128 -1.90 1.99 -24.20
N TYR D 129 -1.64 1.94 -22.88
CA TYR D 129 -0.28 2.10 -22.38
C TYR D 129 0.55 0.86 -22.83
N ALA D 130 -0.05 -0.33 -22.79
CA ALA D 130 0.58 -1.56 -23.27
C ALA D 130 0.69 -1.50 -24.82
N SER D 131 -0.33 -0.96 -25.51
N SER D 131 -0.38 -1.13 -25.55
CA SER D 131 -0.30 -0.84 -26.97
CA SER D 131 -0.30 -1.14 -27.02
C SER D 131 0.84 0.02 -27.46
C SER D 131 0.70 -0.10 -27.55
N MET D 132 0.99 1.23 -26.88
N MET D 132 0.92 1.01 -26.80
CA MET D 132 2.07 2.13 -27.29
CA MET D 132 1.90 2.03 -27.20
C MET D 132 3.44 1.55 -26.96
C MET D 132 3.30 1.45 -27.01
N ALA D 133 3.54 0.80 -25.85
CA ALA D 133 4.82 0.17 -25.52
C ALA D 133 5.13 -0.97 -26.50
N LYS D 134 4.11 -1.74 -26.89
CA LYS D 134 4.32 -2.82 -27.86
C LYS D 134 4.83 -2.22 -29.21
N ALA D 135 4.21 -1.13 -29.65
CA ALA D 135 4.60 -0.52 -30.93
C ALA D 135 5.97 0.15 -30.89
N LEU D 136 6.33 0.79 -29.78
CA LEU D 136 7.55 1.60 -29.71
C LEU D 136 8.78 0.97 -29.06
N LEU D 137 8.61 -0.04 -28.21
CA LEU D 137 9.78 -0.72 -27.62
C LEU D 137 10.78 -1.23 -28.67
N PRO D 138 10.34 -1.80 -29.81
CA PRO D 138 11.29 -2.23 -30.85
C PRO D 138 12.12 -1.09 -31.48
N ILE D 139 11.73 0.17 -31.26
CA ILE D 139 12.50 1.32 -31.73
C ILE D 139 12.96 2.21 -30.58
N MET D 140 13.23 1.63 -29.40
CA MET D 140 13.76 2.39 -28.27
C MET D 140 15.19 1.96 -27.95
N ASN D 141 16.01 2.90 -27.52
CA ASN D 141 17.38 2.60 -27.13
C ASN D 141 17.44 2.08 -25.69
N PRO D 142 18.46 1.27 -25.36
CA PRO D 142 18.66 0.91 -23.94
C PRO D 142 18.88 2.19 -23.13
N GLY D 143 18.44 2.17 -21.89
CA GLY D 143 18.49 3.37 -21.05
C GLY D 143 17.27 4.27 -21.26
N GLY D 144 16.38 3.88 -22.16
CA GLY D 144 15.18 4.65 -22.45
C GLY D 144 14.14 4.65 -21.35
N SER D 145 13.10 5.46 -21.56
CA SER D 145 12.09 5.66 -20.54
C SER D 145 10.71 5.88 -21.11
N ILE D 146 9.74 5.11 -20.62
CA ILE D 146 8.33 5.26 -20.98
C ILE D 146 7.64 5.80 -19.74
N VAL D 147 6.83 6.88 -19.90
CA VAL D 147 6.15 7.51 -18.79
C VAL D 147 4.68 7.69 -19.11
N GLY D 148 3.79 7.32 -18.18
CA GLY D 148 2.35 7.51 -18.37
C GLY D 148 1.77 8.37 -17.25
N MET D 149 0.58 8.99 -17.48
CA MET D 149 -0.02 9.87 -16.47
C MET D 149 -1.09 9.14 -15.66
N ASP D 150 -1.04 9.29 -14.34
CA ASP D 150 -1.95 8.61 -13.43
C ASP D 150 -2.64 9.64 -12.52
N PHE D 151 -3.75 9.26 -11.87
CA PHE D 151 -4.41 10.06 -10.85
C PHE D 151 -4.70 9.02 -9.76
N ASP D 152 -4.04 9.16 -8.59
CA ASP D 152 -4.06 8.17 -7.51
C ASP D 152 -5.43 7.52 -7.27
N PRO D 153 -5.58 6.24 -7.64
CA PRO D 153 -6.89 5.57 -7.51
C PRO D 153 -6.93 4.56 -6.34
N SER D 154 -5.97 4.64 -5.37
CA SER D 154 -5.89 3.71 -4.22
CA SER D 154 -5.91 3.68 -4.26
C SER D 154 -7.11 3.73 -3.33
N ARG D 155 -7.85 4.85 -3.32
N ARG D 155 -7.85 4.86 -3.31
CA ARG D 155 -9.07 4.97 -2.54
CA ARG D 155 -9.05 5.02 -2.48
C ARG D 155 -10.20 5.41 -3.48
C ARG D 155 -10.19 5.56 -3.34
N ALA D 156 -11.44 5.10 -3.11
CA ALA D 156 -12.59 5.58 -3.89
C ALA D 156 -12.81 7.06 -3.55
N MET D 157 -13.48 7.79 -4.44
CA MET D 157 -13.66 9.23 -4.23
C MET D 157 -14.84 9.70 -5.05
N PRO D 158 -15.36 10.90 -4.77
CA PRO D 158 -16.47 11.41 -5.59
C PRO D 158 -16.03 11.67 -7.03
N ALA D 159 -16.99 11.61 -7.97
CA ALA D 159 -16.92 12.01 -9.37
C ALA D 159 -15.95 11.25 -10.28
N TYR D 160 -14.78 10.82 -9.78
CA TYR D 160 -13.83 10.13 -10.67
C TYR D 160 -14.35 8.76 -11.13
N ASN D 161 -15.20 8.14 -10.28
CA ASN D 161 -16.00 6.96 -10.62
C ASN D 161 -15.24 5.89 -11.44
N TRP D 162 -15.68 5.57 -12.68
CA TRP D 162 -15.05 4.53 -13.48
C TRP D 162 -13.67 4.90 -13.98
N MET D 163 -13.33 6.19 -14.05
CA MET D 163 -11.96 6.57 -14.41
C MET D 163 -10.99 6.10 -13.31
N THR D 164 -11.48 6.02 -12.04
CA THR D 164 -10.66 5.49 -10.94
C THR D 164 -10.31 4.02 -11.23
N VAL D 165 -11.29 3.25 -11.73
CA VAL D 165 -11.08 1.85 -12.07
C VAL D 165 -10.09 1.75 -13.24
N ALA D 166 -10.21 2.62 -14.25
CA ALA D 166 -9.28 2.62 -15.39
C ALA D 166 -7.85 2.93 -14.90
N LYS D 167 -7.69 3.89 -13.96
CA LYS D 167 -6.34 4.19 -13.42
C LYS D 167 -5.80 3.04 -12.59
N SER D 168 -6.67 2.35 -11.83
CA SER D 168 -6.20 1.15 -11.09
C SER D 168 -5.68 0.08 -12.08
N ALA D 169 -6.40 -0.10 -13.20
CA ALA D 169 -5.96 -1.05 -14.23
C ALA D 169 -4.66 -0.53 -14.87
N LEU D 170 -4.54 0.79 -15.10
CA LEU D 170 -3.31 1.39 -15.70
C LEU D 170 -2.09 1.10 -14.81
N GLU D 171 -2.24 1.24 -13.49
CA GLU D 171 -1.11 0.98 -12.58
C GLU D 171 -0.64 -0.50 -12.71
N SER D 172 -1.60 -1.41 -12.83
CA SER D 172 -1.29 -2.82 -12.99
C SER D 172 -0.63 -3.05 -14.37
N VAL D 173 -1.19 -2.44 -15.44
CA VAL D 173 -0.57 -2.55 -16.79
C VAL D 173 0.89 -2.04 -16.76
N ASN D 174 1.14 -0.92 -16.07
CA ASN D 174 2.49 -0.36 -15.96
C ASN D 174 3.49 -1.38 -15.38
N ARG D 175 3.09 -2.13 -14.34
CA ARG D 175 4.01 -3.12 -13.75
C ARG D 175 4.36 -4.24 -14.74
N PHE D 176 3.41 -4.61 -15.62
CA PHE D 176 3.70 -5.63 -16.64
C PHE D 176 4.48 -5.05 -17.83
N VAL D 177 4.18 -3.80 -18.20
CA VAL D 177 4.97 -3.13 -19.25
C VAL D 177 6.44 -3.00 -18.76
N ALA D 178 6.67 -2.75 -17.47
CA ALA D 178 8.06 -2.69 -16.95
C ALA D 178 8.78 -4.04 -17.19
N ARG D 179 8.08 -5.17 -17.02
CA ARG D 179 8.67 -6.50 -17.29
C ARG D 179 9.11 -6.61 -18.76
N GLU D 180 8.25 -6.18 -19.69
CA GLU D 180 8.59 -6.22 -21.12
C GLU D 180 9.68 -5.20 -21.50
N ALA D 181 9.57 -3.98 -20.96
CA ALA D 181 10.51 -2.90 -21.26
C ALA D 181 11.92 -3.24 -20.77
N GLY D 182 12.02 -3.96 -19.64
CA GLY D 182 13.31 -4.36 -19.07
C GLY D 182 14.11 -5.21 -20.01
N LYS D 183 13.44 -5.98 -20.91
CA LYS D 183 14.16 -6.80 -21.91
C LYS D 183 14.97 -5.92 -22.90
N TYR D 184 14.56 -4.66 -23.07
CA TYR D 184 15.18 -3.64 -23.91
C TYR D 184 16.08 -2.63 -23.12
N GLY D 185 16.20 -2.82 -21.81
CA GLY D 185 16.92 -1.89 -20.95
C GLY D 185 16.14 -0.59 -20.78
N VAL D 186 14.81 -0.64 -20.93
CA VAL D 186 13.95 0.53 -20.85
C VAL D 186 13.13 0.53 -19.56
N ARG D 187 12.92 1.71 -18.96
CA ARG D 187 12.10 1.82 -17.75
C ARG D 187 10.68 2.17 -18.12
N SER D 188 9.72 1.83 -17.27
CA SER D 188 8.33 2.20 -17.47
C SER D 188 7.80 2.74 -16.14
N ASN D 189 7.26 3.95 -16.09
CA ASN D 189 6.74 4.48 -14.80
C ASN D 189 5.55 5.34 -15.04
N LEU D 190 4.76 5.57 -13.99
CA LEU D 190 3.65 6.53 -14.08
C LEU D 190 3.95 7.72 -13.20
N VAL D 191 3.42 8.89 -13.57
CA VAL D 191 3.47 10.07 -12.73
C VAL D 191 2.02 10.28 -12.27
N ALA D 192 1.77 10.21 -10.95
CA ALA D 192 0.43 10.43 -10.41
C ALA D 192 0.37 11.92 -10.05
N ALA D 193 -0.31 12.70 -10.88
CA ALA D 193 -0.33 14.15 -10.70
C ALA D 193 -1.52 14.60 -9.88
N GLY D 194 -1.38 15.75 -9.21
CA GLY D 194 -2.51 16.38 -8.59
C GLY D 194 -3.40 16.99 -9.69
N PRO D 195 -4.51 17.62 -9.30
CA PRO D 195 -5.46 18.14 -10.29
C PRO D 195 -4.95 19.37 -11.04
N ILE D 196 -5.14 19.38 -12.36
CA ILE D 196 -4.68 20.46 -13.26
C ILE D 196 -5.84 20.84 -14.18
N ARG D 197 -6.13 22.13 -14.29
N ARG D 197 -6.08 22.15 -14.37
CA ARG D 197 -7.19 22.59 -15.18
CA ARG D 197 -7.15 22.71 -15.21
C ARG D 197 -6.77 22.32 -16.63
C ARG D 197 -6.92 22.44 -16.73
N THR D 198 -7.37 21.28 -17.22
CA THR D 198 -7.18 20.88 -18.62
C THR D 198 -8.55 20.72 -19.30
N LEU D 199 -8.56 20.47 -20.61
CA LEU D 199 -9.80 20.24 -21.35
C LEU D 199 -10.52 19.00 -20.78
N ALA D 200 -9.80 17.91 -20.46
CA ALA D 200 -10.46 16.71 -19.90
C ALA D 200 -11.10 17.06 -18.52
N MET D 201 -10.42 17.89 -17.68
CA MET D 201 -11.03 18.29 -16.42
C MET D 201 -12.35 19.07 -16.66
N SER D 202 -12.35 20.03 -17.59
N SER D 202 -12.38 19.97 -17.66
CA SER D 202 -13.56 20.84 -17.83
CA SER D 202 -13.54 20.84 -17.82
C SER D 202 -14.64 20.10 -18.58
C SER D 202 -14.65 20.16 -18.61
N ALA D 203 -14.29 19.50 -19.72
CA ALA D 203 -15.28 18.85 -20.57
C ALA D 203 -15.78 17.50 -20.08
N ILE D 204 -14.89 16.64 -19.62
CA ILE D 204 -15.26 15.30 -19.19
C ILE D 204 -15.70 15.29 -17.74
N VAL D 205 -14.80 15.67 -16.81
CA VAL D 205 -15.16 15.70 -15.41
C VAL D 205 -16.25 16.75 -15.11
N GLY D 206 -16.00 18.01 -15.45
CA GLY D 206 -16.94 19.08 -15.19
C GLY D 206 -18.26 18.88 -15.91
N GLY D 207 -18.19 18.36 -17.13
CA GLY D 207 -19.40 18.07 -17.89
C GLY D 207 -20.31 17.07 -17.20
N ALA D 208 -19.70 16.05 -16.56
CA ALA D 208 -20.46 15.03 -15.85
C ALA D 208 -20.91 15.43 -14.44
N LEU D 209 -20.42 16.54 -13.93
CA LEU D 209 -20.83 17.04 -12.63
C LEU D 209 -22.08 17.94 -12.68
N GLY D 210 -22.47 18.38 -13.87
CA GLY D 210 -23.63 19.24 -14.06
C GLY D 210 -23.49 20.58 -13.38
N GLU D 211 -24.57 20.98 -12.67
CA GLU D 211 -24.62 22.25 -11.94
C GLU D 211 -23.63 22.35 -10.78
N GLU D 212 -23.10 21.22 -10.30
CA GLU D 212 -22.17 21.18 -9.18
C GLU D 212 -20.70 21.27 -9.57
N ALA D 213 -20.38 21.35 -10.88
CA ALA D 213 -18.99 21.38 -11.35
C ALA D 213 -18.11 22.46 -10.73
N GLY D 214 -18.57 23.71 -10.72
CA GLY D 214 -17.79 24.81 -10.15
C GLY D 214 -17.48 24.61 -8.67
N ALA D 215 -18.52 24.27 -7.89
CA ALA D 215 -18.39 24.05 -6.45
C ALA D 215 -17.54 22.83 -6.09
N GLN D 216 -17.73 21.71 -6.81
CA GLN D 216 -16.96 20.51 -6.52
C GLN D 216 -15.50 20.67 -6.91
N ILE D 217 -15.21 21.36 -8.01
CA ILE D 217 -13.81 21.59 -8.42
C ILE D 217 -13.13 22.59 -7.48
N GLN D 218 -13.88 23.59 -6.98
CA GLN D 218 -13.31 24.55 -6.02
C GLN D 218 -12.94 23.82 -4.72
N LEU D 219 -13.83 22.93 -4.26
CA LEU D 219 -13.61 22.12 -3.07
C LEU D 219 -12.41 21.19 -3.26
N LEU D 220 -12.30 20.58 -4.45
CA LEU D 220 -11.17 19.70 -4.74
C LEU D 220 -9.85 20.46 -4.67
N GLU D 221 -9.76 21.64 -5.33
CA GLU D 221 -8.53 22.45 -5.35
C GLU D 221 -8.15 22.91 -3.94
N GLU D 222 -9.12 23.47 -3.20
CA GLU D 222 -8.86 23.98 -1.86
C GLU D 222 -8.37 22.87 -0.94
N GLY D 223 -9.02 21.72 -1.00
CA GLY D 223 -8.64 20.59 -0.17
C GLY D 223 -7.26 20.06 -0.52
N TRP D 224 -6.95 20.00 -1.82
CA TRP D 224 -5.65 19.49 -2.28
C TRP D 224 -4.52 20.40 -1.83
N ASP D 225 -4.70 21.71 -2.01
CA ASP D 225 -3.70 22.68 -1.60
C ASP D 225 -3.54 22.62 -0.06
N GLN D 226 -4.64 22.38 0.69
CA GLN D 226 -4.54 22.27 2.15
C GLN D 226 -3.74 21.01 2.56
N ARG D 227 -4.06 19.83 2.01
CA ARG D 227 -3.39 18.55 2.32
C ARG D 227 -1.93 18.56 1.95
N ALA D 228 -1.60 19.13 0.79
CA ALA D 228 -0.22 19.14 0.27
C ALA D 228 0.67 19.99 1.18
N PRO D 229 1.69 19.40 1.82
CA PRO D 229 2.56 20.22 2.69
C PRO D 229 3.25 21.38 1.98
N ILE D 230 3.49 21.26 0.66
CA ILE D 230 4.09 22.36 -0.10
C ILE D 230 3.06 23.09 -0.99
N GLY D 231 1.78 22.86 -0.77
CA GLY D 231 0.73 23.52 -1.53
C GLY D 231 0.54 22.92 -2.91
N TRP D 232 -0.53 23.36 -3.59
CA TRP D 232 -0.84 22.87 -4.92
C TRP D 232 -1.57 23.96 -5.69
N ASN D 233 -1.14 24.23 -6.91
CA ASN D 233 -1.78 25.22 -7.76
C ASN D 233 -2.32 24.48 -8.97
N MET D 234 -3.65 24.33 -9.12
N MET D 234 -3.66 24.34 -9.12
CA MET D 234 -4.23 23.63 -10.29
CA MET D 234 -4.22 23.61 -10.27
C MET D 234 -3.97 24.33 -11.62
C MET D 234 -4.07 24.36 -11.61
N LYS D 235 -3.64 25.63 -11.58
CA LYS D 235 -3.43 26.39 -12.82
C LYS D 235 -2.01 26.19 -13.39
N ASP D 236 -1.13 25.48 -12.66
CA ASP D 236 0.27 25.36 -13.06
C ASP D 236 0.66 23.91 -13.30
N ALA D 237 0.75 23.51 -14.56
CA ALA D 237 1.18 22.15 -14.89
C ALA D 237 2.71 21.98 -14.90
N THR D 238 3.48 23.09 -14.82
CA THR D 238 4.94 22.98 -14.88
C THR D 238 5.56 21.99 -13.88
N PRO D 239 5.16 21.93 -12.58
CA PRO D 239 5.80 20.96 -11.66
C PRO D 239 5.58 19.52 -12.10
N VAL D 240 4.42 19.24 -12.73
CA VAL D 240 4.14 17.87 -13.24
C VAL D 240 5.03 17.62 -14.48
N ALA D 241 5.14 18.59 -15.39
CA ALA D 241 5.98 18.46 -16.58
C ALA D 241 7.43 18.20 -16.21
N LYS D 242 7.96 18.94 -15.21
N LYS D 242 7.95 18.94 -15.20
CA LYS D 242 9.33 18.75 -14.76
CA LYS D 242 9.33 18.76 -14.74
C LYS D 242 9.53 17.33 -14.21
C LYS D 242 9.53 17.34 -14.21
N THR D 243 8.55 16.81 -13.47
CA THR D 243 8.64 15.45 -12.91
C THR D 243 8.72 14.41 -14.04
N VAL D 244 7.89 14.58 -15.08
CA VAL D 244 7.94 13.67 -16.24
C VAL D 244 9.32 13.75 -16.90
N CYS D 245 9.86 14.97 -17.03
CA CYS D 245 11.20 15.15 -17.59
C CYS D 245 12.29 14.51 -16.75
N ALA D 246 12.14 14.54 -15.42
CA ALA D 246 13.08 13.84 -14.52
C ALA D 246 13.07 12.33 -14.82
N LEU D 247 11.85 11.74 -15.01
CA LEU D 247 11.78 10.31 -15.35
C LEU D 247 12.32 9.99 -16.75
N LEU D 248 12.19 10.93 -17.70
CA LEU D 248 12.74 10.75 -19.05
C LEU D 248 14.28 10.91 -19.08
N SER D 249 14.83 11.54 -18.02
CA SER D 249 16.27 11.80 -17.92
C SER D 249 17.04 10.57 -17.46
N ASP D 250 18.36 10.69 -17.42
CA ASP D 250 19.19 9.63 -16.90
C ASP D 250 19.32 9.69 -15.36
N TRP D 251 18.54 10.57 -14.67
CA TRP D 251 18.69 10.81 -13.24
C TRP D 251 17.80 9.95 -12.33
N LEU D 252 16.92 9.13 -12.92
CA LEU D 252 16.16 8.13 -12.14
C LEU D 252 16.39 6.78 -12.83
N PRO D 253 17.64 6.30 -12.87
CA PRO D 253 17.94 5.11 -13.70
C PRO D 253 17.58 3.77 -13.09
N ALA D 254 17.24 3.76 -11.81
CA ALA D 254 16.97 2.52 -11.09
C ALA D 254 15.47 2.40 -10.71
N THR D 255 14.60 3.22 -11.33
CA THR D 255 13.19 3.20 -10.99
C THR D 255 12.40 2.67 -12.18
N THR D 256 11.62 1.61 -11.96
CA THR D 256 10.77 1.03 -13.01
C THR D 256 9.58 0.29 -12.41
N GLY D 257 8.51 0.21 -13.19
CA GLY D 257 7.23 -0.38 -12.78
C GLY D 257 6.58 0.39 -11.64
N ASP D 258 6.98 1.65 -11.48
CA ASP D 258 6.65 2.44 -10.34
C ASP D 258 5.79 3.63 -10.58
N ILE D 259 5.42 4.31 -9.49
CA ILE D 259 4.60 5.50 -9.56
C ILE D 259 5.29 6.59 -8.76
N ILE D 260 5.51 7.75 -9.40
N ILE D 260 5.54 7.72 -9.41
CA ILE D 260 6.14 8.92 -8.77
CA ILE D 260 6.10 8.93 -8.80
C ILE D 260 5.03 9.97 -8.63
C ILE D 260 4.90 9.85 -8.57
N TYR D 261 4.78 10.45 -7.39
CA TYR D 261 3.67 11.36 -7.09
C TYR D 261 4.08 12.81 -7.21
N ALA D 262 3.48 13.51 -8.17
CA ALA D 262 3.74 14.94 -8.39
C ALA D 262 2.44 15.62 -8.01
N ASP D 263 2.14 15.60 -6.72
CA ASP D 263 0.85 16.03 -6.21
C ASP D 263 0.95 16.97 -4.99
N GLY D 264 2.13 17.52 -4.76
CA GLY D 264 2.36 18.40 -3.61
C GLY D 264 2.51 17.64 -2.30
N GLY D 265 2.58 16.30 -2.35
CA GLY D 265 2.61 15.43 -1.17
C GLY D 265 1.22 15.14 -0.61
N ALA D 266 0.15 15.57 -1.32
CA ALA D 266 -1.20 15.38 -0.78
C ALA D 266 -1.55 13.92 -0.44
N HIS D 267 -1.11 12.96 -1.26
CA HIS D 267 -1.48 11.57 -1.02
C HIS D 267 -0.92 10.99 0.27
N THR D 268 0.09 11.63 0.86
CA THR D 268 0.74 11.13 2.09
C THR D 268 0.16 11.73 3.36
N GLN D 269 -0.89 12.60 3.23
CA GLN D 269 -1.43 13.34 4.33
C GLN D 269 -2.95 13.24 4.45
N LEU D 270 -3.40 13.68 5.66
N LEU D 270 -3.44 12.94 5.66
CA LEU D 270 -4.78 13.90 6.07
CA LEU D 270 -4.89 12.74 5.86
C LEU D 270 -4.88 15.25 6.81
C LEU D 270 -5.59 14.09 5.99
#